data_1E7U
#
_entry.id   1E7U
#
_cell.length_a   145.327
_cell.length_b   67.664
_cell.length_c   106.650
_cell.angle_alpha   90.00
_cell.angle_beta   95.05
_cell.angle_gamma   90.00
#
_symmetry.space_group_name_H-M   'C 1 2 1'
#
loop_
_entity.id
_entity.type
_entity.pdbx_description
1 polymer 'PHOSPHATIDYLINOSITOL 3-KINASE CATALYTIC SUBUNIT'
2 non-polymer '(1S,6BR,9AS,11R,11BR)-9A,11B-DIMETHYL-1-[(METHYLOXY)METHYL]-3,6,9-TRIOXO-1,6,6B,7,8,9,9A,10,11,11B-DECAHYDRO-3H-FURO[4, 3,2-DE]INDENO[4,5-H][2]BENZOPYRAN-11-YL ACETATE'
3 water water
#
_entity_poly.entity_id   1
_entity_poly.type   'polypeptide(L)'
_entity_poly.pdbx_seq_one_letter_code
;AASEETLAFQRQLNALIGYDVTDVSNVHDDELEFTRRRLVTPRMAEVAGRDPKLYAMHPWVTSKPLPEYLLKKITNNCVF
IVIHRSTTSQTIKVSADDTPGTILQSFFTKMAKKKSLMDIPESQNERDFVLRVCGRDEYLVGETPIKNFQWVRQCLKNGE
EIHLVLDTPPDPALDEVRKEEWPLVDDCTGVTGYHEQLTIHGKDHESVFTVSLWDCDRKFRVKIRGIDIPVLPRTADLTV
FVEANIQYGQQVLCQRRTSPKPFTEEVLWNVWLEFSIKIKDLPKGALLNLQIYCGAKPALSGKTSAEMPSPESKGKAQLL
YYVNLLLIDHRFLLRHGEYVLHMWQLSGKGEDQGSFNADKLTSATNPDKENSMSISILLDNYCHPIALPKHRPTPDPEGD
RVRAEMPNQLRKQLEAIIATDPLNPLTAEDKELLWHFRYESLKDPKAYPKLFSSVKWGQQEIVAKTYQLLAKREVWDQSA
LDVGLTMQLLDCNFSDENVRAIAVQKLESLEDDDVLHYLLQLVQAVKFEPYHDSALARFLLKRGLRNKRIGHFLFWFLRS
EIAQSRHYQQRFAVILEAYLRGCGTAMLHDFTQQVQVIDMLQKVTIDIKSLSAEKYDVSSQVISQLKQKLENLQNLNLPQ
SFRVPYDPGLKAGALVIEKCKVMASKKKPLWLEFKCADPTALSNETIGIIFKHGDDLRQDMLILQILRIMESIWETESLD
LCLLPYGCISTGDKIGMIEIVKDATTIAKIQQSTVGNTGAFKDEVLSHWLKEKCPIEEKFQAAVERFVYSCAGYCVATFV
LGIGDRHNDNIMISETGNLFHIDFGHILGNYKSFLGINKERVPFVLTPDFLFVMGTSGKKTSLHFQKFQDVCVKAYLALR
HHTNLLIILFSMMLMTGMPQLTSKEDIEYIRDALTVGKSEEDAKKYFLDQIEVCRDKGWTVQFNWFLHLVLGIKQGEKHS
A
;
_entity_poly.pdbx_strand_id   A
#
loop_
_chem_comp.id
_chem_comp.type
_chem_comp.name
_chem_comp.formula
KWT non-polymer '(1S,6BR,9AS,11R,11BR)-9A,11B-DIMETHYL-1-[(METHYLOXY)METHYL]-3,6,9-TRIOXO-1,6,6B,7,8,9,9A,10,11,11B-DECAHYDRO-3H-FURO[4, 3,2-DE]INDENO[4,5-H][2]BENZOPYRAN-11-YL ACETATE' 'C23 H24 O8'
#
# COMPACT_ATOMS: atom_id res chain seq x y z
N ALA A 2 30.21 23.85 -5.37
CA ALA A 2 29.59 23.04 -4.27
C ALA A 2 30.43 23.10 -2.99
N SER A 3 29.95 23.85 -2.01
CA SER A 3 30.66 23.98 -0.74
C SER A 3 30.50 22.71 0.09
N GLU A 4 31.18 22.66 1.23
CA GLU A 4 31.11 21.50 2.11
C GLU A 4 29.66 21.34 2.56
N GLU A 5 28.96 22.46 2.67
CA GLU A 5 27.57 22.48 3.09
C GLU A 5 26.66 21.67 2.15
N THR A 6 26.65 22.05 0.88
CA THR A 6 25.84 21.37 -0.11
C THR A 6 26.17 19.88 -0.16
N LEU A 7 27.45 19.56 -0.20
CA LEU A 7 27.88 18.17 -0.22
C LEU A 7 27.38 17.46 1.04
N ALA A 8 27.52 18.14 2.18
CA ALA A 8 27.09 17.57 3.46
C ALA A 8 25.58 17.28 3.49
N PHE A 9 24.80 18.25 3.03
CA PHE A 9 23.36 18.12 2.99
C PHE A 9 22.94 16.92 2.11
N GLN A 10 23.53 16.80 0.93
CA GLN A 10 23.22 15.70 0.03
C GLN A 10 23.49 14.40 0.74
N ARG A 11 24.62 14.34 1.43
CA ARG A 11 25.04 13.15 2.16
C ARG A 11 23.98 12.69 3.16
N GLN A 12 23.48 13.60 4.00
CA GLN A 12 22.48 13.22 4.99
C GLN A 12 21.17 12.77 4.33
N LEU A 13 20.80 13.45 3.24
CA LEU A 13 19.57 13.06 2.54
C LEU A 13 19.73 11.63 2.01
N ASN A 14 20.89 11.31 1.43
CA ASN A 14 21.09 9.95 0.93
C ASN A 14 20.99 8.94 2.07
N ALA A 15 21.37 9.36 3.27
CA ALA A 15 21.33 8.47 4.43
C ALA A 15 19.89 8.23 4.86
N LEU A 16 19.07 9.27 4.76
CA LEU A 16 17.66 9.17 5.10
C LEU A 16 16.92 8.31 4.08
N ILE A 17 17.28 8.49 2.81
CA ILE A 17 16.68 7.77 1.68
C ILE A 17 17.10 6.30 1.68
N GLY A 18 18.34 6.04 2.10
CA GLY A 18 18.87 4.71 2.11
C GLY A 18 19.40 4.29 0.74
N TYR A 19 19.66 5.27 -0.11
CA TYR A 19 20.16 5.05 -1.47
C TYR A 19 20.79 6.35 -1.95
N ASP A 20 21.86 6.25 -2.73
CA ASP A 20 22.54 7.43 -3.26
C ASP A 20 21.82 7.92 -4.52
N VAL A 21 20.96 8.92 -4.37
CA VAL A 21 20.22 9.45 -5.50
C VAL A 21 21.05 10.08 -6.61
N THR A 22 22.34 10.30 -6.36
CA THR A 22 23.19 10.91 -7.38
C THR A 22 23.98 9.83 -8.13
N ASP A 23 23.86 8.58 -7.68
CA ASP A 23 24.58 7.47 -8.30
C ASP A 23 24.23 7.35 -9.77
N VAL A 24 25.24 7.12 -10.62
CA VAL A 24 24.96 6.95 -12.04
C VAL A 24 25.68 5.71 -12.56
N SER A 25 25.95 4.76 -11.67
CA SER A 25 26.64 3.54 -12.06
C SER A 25 25.69 2.54 -12.73
N ASN A 26 24.39 2.79 -12.63
CA ASN A 26 23.40 1.87 -13.20
C ASN A 26 22.34 2.60 -14.01
N VAL A 27 22.80 3.35 -15.01
CA VAL A 27 21.92 4.10 -15.90
C VAL A 27 22.52 4.12 -17.31
N HIS A 28 21.68 4.32 -18.33
CA HIS A 28 22.16 4.38 -19.71
C HIS A 28 21.70 5.69 -20.35
N ASP A 29 21.06 6.54 -19.54
CA ASP A 29 20.59 7.85 -19.99
C ASP A 29 20.45 8.76 -18.76
N ASP A 30 19.98 9.98 -18.96
CA ASP A 30 19.84 10.89 -17.85
C ASP A 30 18.40 11.11 -17.42
N GLU A 31 17.53 10.11 -17.60
CA GLU A 31 16.13 10.32 -17.21
C GLU A 31 15.98 10.63 -15.72
N LEU A 32 16.68 9.88 -14.87
CA LEU A 32 16.61 10.10 -13.42
C LEU A 32 17.08 11.51 -13.02
N GLU A 33 18.26 11.89 -13.48
CA GLU A 33 18.79 13.21 -13.15
C GLU A 33 17.85 14.27 -13.72
N PHE A 34 17.33 14.02 -14.92
CA PHE A 34 16.40 14.94 -15.55
C PHE A 34 15.18 15.11 -14.67
N THR A 35 14.72 14.00 -14.09
CA THR A 35 13.54 14.04 -13.24
C THR A 35 13.82 14.83 -11.96
N ARG A 36 15.01 14.66 -11.37
CA ARG A 36 15.34 15.40 -10.16
C ARG A 36 15.19 16.90 -10.44
N ARG A 37 15.77 17.35 -11.56
CA ARG A 37 15.69 18.76 -11.92
C ARG A 37 14.25 19.23 -12.12
N ARG A 38 13.45 18.42 -12.82
CA ARG A 38 12.06 18.80 -13.07
C ARG A 38 11.16 18.80 -11.85
N LEU A 39 11.53 18.03 -10.81
CA LEU A 39 10.69 18.01 -9.60
C LEU A 39 10.96 19.21 -8.70
N VAL A 40 12.00 19.98 -9.03
CA VAL A 40 12.38 21.15 -8.22
C VAL A 40 11.28 22.22 -8.18
N THR A 41 10.69 22.52 -9.33
CA THR A 41 9.62 23.52 -9.42
C THR A 41 8.35 23.13 -8.65
N PRO A 42 7.86 21.90 -8.85
CA PRO A 42 6.65 21.45 -8.14
C PRO A 42 6.82 21.56 -6.62
N ARG A 43 7.97 21.12 -6.13
CA ARG A 43 8.26 21.16 -4.69
C ARG A 43 8.23 22.60 -4.18
N MET A 44 9.03 23.48 -4.79
CA MET A 44 9.08 24.87 -4.35
C MET A 44 7.72 25.56 -4.38
N ALA A 45 6.95 25.32 -5.45
CA ALA A 45 5.63 25.91 -5.60
C ALA A 45 4.71 25.51 -4.46
N GLU A 46 4.77 24.24 -4.08
CA GLU A 46 3.91 23.77 -3.00
C GLU A 46 4.37 24.32 -1.64
N VAL A 47 5.68 24.42 -1.46
CA VAL A 47 6.25 24.94 -0.22
C VAL A 47 5.81 26.38 0.07
N ALA A 48 5.83 27.21 -0.97
CA ALA A 48 5.45 28.62 -0.88
C ALA A 48 3.94 28.83 -0.82
N GLY A 49 3.18 27.80 -1.18
CA GLY A 49 1.74 27.93 -1.18
C GLY A 49 1.02 27.40 0.06
N ARG A 50 1.73 26.65 0.89
CA ARG A 50 1.11 26.10 2.09
C ARG A 50 1.11 27.08 3.24
N ASP A 51 0.10 26.98 4.10
CA ASP A 51 0.01 27.86 5.25
C ASP A 51 1.03 27.41 6.27
N PRO A 52 1.83 28.34 6.79
CA PRO A 52 2.85 27.98 7.79
C PRO A 52 2.34 27.44 9.13
N LYS A 53 1.19 27.91 9.60
CA LYS A 53 0.66 27.44 10.88
C LYS A 53 -0.08 26.11 10.77
N LEU A 54 -0.98 26.02 9.79
CA LEU A 54 -1.75 24.80 9.58
C LEU A 54 -0.80 23.65 9.21
N TYR A 55 0.29 23.96 8.52
CA TYR A 55 1.23 22.93 8.13
C TYR A 55 1.99 22.46 9.37
N ALA A 56 2.23 23.39 10.29
CA ALA A 56 2.94 23.12 11.53
C ALA A 56 2.12 22.27 12.50
N MET A 57 0.81 22.50 12.56
CA MET A 57 -0.03 21.74 13.48
C MET A 57 -0.80 20.59 12.83
N HIS A 58 -0.63 20.43 11.52
CA HIS A 58 -1.26 19.37 10.74
C HIS A 58 -2.57 18.80 11.31
N PRO A 59 -3.63 19.62 11.41
CA PRO A 59 -4.90 19.13 11.94
C PRO A 59 -5.39 17.92 11.13
N TRP A 60 -5.90 16.91 11.83
CA TRP A 60 -6.41 15.71 11.17
C TRP A 60 -7.93 15.72 11.23
N VAL A 61 -8.54 16.08 10.11
CA VAL A 61 -9.99 16.19 10.03
C VAL A 61 -10.62 15.42 8.89
N THR A 62 -11.94 15.52 8.81
CA THR A 62 -12.71 14.87 7.77
C THR A 62 -13.96 15.69 7.45
N SER A 63 -14.42 15.60 6.20
CA SER A 63 -15.60 16.32 5.76
C SER A 63 -16.74 15.30 5.60
N LYS A 64 -16.47 14.05 6.00
CA LYS A 64 -17.48 13.01 5.89
C LYS A 64 -18.50 13.18 7.03
N PRO A 65 -19.71 12.68 6.82
CA PRO A 65 -20.74 12.81 7.86
C PRO A 65 -20.46 11.84 9.01
N LEU A 66 -21.05 12.12 10.17
CA LEU A 66 -20.90 11.25 11.32
C LEU A 66 -21.64 9.95 11.10
N PRO A 67 -20.93 8.82 11.17
CA PRO A 67 -21.53 7.50 10.98
C PRO A 67 -22.66 7.25 11.96
N GLU A 68 -23.60 6.39 11.57
CA GLU A 68 -24.75 6.05 12.41
C GLU A 68 -24.32 5.53 13.79
N TYR A 69 -23.22 4.77 13.84
CA TYR A 69 -22.74 4.20 15.10
C TYR A 69 -22.04 5.20 16.02
N LEU A 70 -21.92 6.44 15.55
CA LEU A 70 -21.29 7.49 16.36
C LEU A 70 -22.35 8.49 16.78
N LEU A 71 -23.41 8.57 15.97
CA LEU A 71 -24.53 9.48 16.25
C LEU A 71 -25.13 9.11 17.59
N LYS A 72 -25.21 7.81 17.85
CA LYS A 72 -25.77 7.31 19.11
C LYS A 72 -24.91 7.84 20.26
N LYS A 73 -23.60 7.72 20.11
CA LYS A 73 -22.64 8.16 21.12
C LYS A 73 -22.79 9.61 21.62
N ILE A 74 -23.45 10.47 20.84
CA ILE A 74 -23.62 11.85 21.27
C ILE A 74 -25.05 12.12 21.72
N THR A 75 -25.17 12.76 22.88
CA THR A 75 -26.48 13.09 23.44
C THR A 75 -26.79 14.59 23.29
N ASN A 76 -27.73 14.90 22.40
CA ASN A 76 -28.15 16.27 22.15
C ASN A 76 -27.14 17.25 21.55
N ASN A 77 -26.42 16.81 20.52
CA ASN A 77 -25.47 17.69 19.84
C ASN A 77 -24.42 18.26 20.79
N CYS A 78 -24.09 17.53 21.85
CA CYS A 78 -23.10 18.01 22.82
C CYS A 78 -21.89 17.08 23.00
N VAL A 79 -20.78 17.68 23.42
CA VAL A 79 -19.54 16.95 23.62
C VAL A 79 -18.77 17.43 24.83
N PHE A 80 -18.34 16.50 25.68
CA PHE A 80 -17.57 16.85 26.86
C PHE A 80 -16.07 16.69 26.63
N ILE A 81 -15.31 17.73 26.97
CA ILE A 81 -13.87 17.72 26.81
C ILE A 81 -13.20 18.14 28.11
N VAL A 82 -12.07 17.52 28.44
CA VAL A 82 -11.34 17.85 29.66
C VAL A 82 -10.05 18.57 29.32
N ILE A 83 -9.94 19.82 29.73
CA ILE A 83 -8.75 20.61 29.47
C ILE A 83 -7.83 20.61 30.68
N HIS A 84 -6.53 20.48 30.43
CA HIS A 84 -5.54 20.48 31.51
C HIS A 84 -4.59 21.65 31.37
N ARG A 85 -3.96 22.01 32.49
CA ARG A 85 -2.97 23.08 32.56
C ARG A 85 -1.73 22.38 33.10
N SER A 86 -1.62 22.34 34.43
CA SER A 86 -0.53 21.64 35.08
C SER A 86 -1.28 20.48 35.67
N THR A 87 -1.48 20.50 36.99
CA THR A 87 -2.27 19.45 37.63
C THR A 87 -3.67 20.03 37.47
N THR A 88 -3.68 21.35 37.28
CA THR A 88 -4.89 22.13 37.09
C THR A 88 -5.63 21.59 35.87
N SER A 89 -6.92 21.32 36.02
CA SER A 89 -7.72 20.78 34.94
C SER A 89 -9.21 20.93 35.23
N GLN A 90 -9.96 21.33 34.19
CA GLN A 90 -11.40 21.53 34.30
C GLN A 90 -12.08 20.81 33.15
N THR A 91 -13.32 20.39 33.36
CA THR A 91 -14.06 19.70 32.32
C THR A 91 -15.16 20.63 31.78
N ILE A 92 -15.31 20.68 30.47
CA ILE A 92 -16.31 21.55 29.86
C ILE A 92 -17.21 20.81 28.88
N LYS A 93 -18.44 21.29 28.74
CA LYS A 93 -19.41 20.71 27.82
C LYS A 93 -19.59 21.69 26.67
N VAL A 94 -19.30 21.26 25.45
CA VAL A 94 -19.42 22.13 24.28
C VAL A 94 -20.38 21.57 23.25
N SER A 95 -20.61 22.34 22.19
CA SER A 95 -21.50 21.91 21.13
C SER A 95 -20.67 21.18 20.08
N ALA A 96 -21.23 20.08 19.57
CA ALA A 96 -20.56 19.28 18.55
C ALA A 96 -20.17 20.08 17.32
N ASP A 97 -20.70 21.29 17.19
CA ASP A 97 -20.38 22.10 16.02
C ASP A 97 -19.42 23.26 16.30
N ASP A 98 -18.99 23.40 17.54
CA ASP A 98 -18.08 24.49 17.89
C ASP A 98 -16.68 24.29 17.30
N THR A 99 -16.06 25.39 16.90
CA THR A 99 -14.71 25.33 16.36
C THR A 99 -13.75 25.45 17.53
N PRO A 100 -12.56 24.84 17.42
CA PRO A 100 -11.58 24.91 18.50
C PRO A 100 -11.40 26.32 19.05
N GLY A 101 -11.64 27.32 18.19
CA GLY A 101 -11.53 28.71 18.61
C GLY A 101 -12.69 29.09 19.51
N THR A 102 -13.89 28.67 19.12
CA THR A 102 -15.10 28.94 19.89
C THR A 102 -15.02 28.19 21.21
N ILE A 103 -14.09 27.23 21.29
CA ILE A 103 -13.89 26.44 22.50
C ILE A 103 -13.04 27.23 23.49
N LEU A 104 -11.86 27.64 23.04
CA LEU A 104 -10.95 28.41 23.88
C LEU A 104 -11.61 29.69 24.38
N GLN A 105 -12.27 30.40 23.46
CA GLN A 105 -12.97 31.63 23.80
C GLN A 105 -14.03 31.34 24.86
N SER A 106 -14.59 30.13 24.80
CA SER A 106 -15.61 29.71 25.74
C SER A 106 -14.98 29.21 27.04
N PHE A 107 -13.69 28.89 26.98
CA PHE A 107 -12.98 28.40 28.15
C PHE A 107 -12.49 29.57 28.99
N PHE A 108 -12.12 30.66 28.31
CA PHE A 108 -11.64 31.85 28.99
C PHE A 108 -12.76 32.59 29.70
N THR A 109 -14.00 32.32 29.30
CA THR A 109 -15.16 32.98 29.91
C THR A 109 -15.63 32.20 31.13
N LYS A 110 -15.55 30.87 31.08
CA LYS A 110 -15.96 30.05 32.20
C LYS A 110 -14.93 30.32 33.29
N MET A 111 -13.82 29.58 33.27
CA MET A 111 -12.76 29.83 34.24
C MET A 111 -12.16 31.13 33.72
N ALA A 112 -11.85 32.06 34.62
CA ALA A 112 -11.29 33.33 34.18
C ALA A 112 -10.27 33.91 35.17
N LYS A 113 -10.66 33.96 36.43
CA LYS A 113 -9.80 34.51 37.47
C LYS A 113 -8.78 33.48 37.96
N ASN A 125 -0.12 36.55 23.75
CA ASN A 125 -0.70 37.62 24.56
C ASN A 125 -1.86 37.12 25.42
N GLU A 126 -2.95 36.76 24.76
CA GLU A 126 -4.15 36.27 25.42
C GLU A 126 -4.65 35.01 24.72
N ARG A 127 -4.93 35.14 23.42
CA ARG A 127 -5.41 34.03 22.62
C ARG A 127 -4.21 33.45 21.88
N ASP A 128 -3.12 33.25 22.62
CA ASP A 128 -1.88 32.72 22.05
C ASP A 128 -1.68 31.25 22.41
N PHE A 129 -2.76 30.58 22.80
CA PHE A 129 -2.67 29.17 23.17
C PHE A 129 -3.35 28.27 22.13
N VAL A 130 -3.11 26.97 22.25
CA VAL A 130 -3.69 26.00 21.31
C VAL A 130 -4.08 24.71 22.03
N LEU A 131 -5.08 24.02 21.50
CA LEU A 131 -5.53 22.76 22.09
C LEU A 131 -4.77 21.57 21.48
N ARG A 132 -4.11 20.81 22.33
CA ARG A 132 -3.34 19.65 21.90
C ARG A 132 -3.80 18.43 22.69
N VAL A 133 -3.89 17.28 22.03
CA VAL A 133 -4.30 16.05 22.70
C VAL A 133 -3.27 15.67 23.73
N CYS A 134 -3.72 15.14 24.87
CA CYS A 134 -2.83 14.74 25.93
C CYS A 134 -1.87 13.64 25.50
N GLY A 135 -0.58 13.89 25.69
CA GLY A 135 0.44 12.91 25.35
C GLY A 135 0.62 12.59 23.87
N ARG A 136 0.31 13.55 23.01
CA ARG A 136 0.47 13.32 21.57
C ARG A 136 0.63 14.62 20.81
N ASP A 137 1.36 14.55 19.70
CA ASP A 137 1.53 15.71 18.84
C ASP A 137 0.36 15.74 17.87
N GLU A 138 -0.84 15.96 18.42
CA GLU A 138 -2.05 16.03 17.64
C GLU A 138 -2.81 17.29 18.06
N TYR A 139 -3.02 18.20 17.12
CA TYR A 139 -3.71 19.46 17.41
C TYR A 139 -5.12 19.57 16.87
N LEU A 140 -6.00 20.17 17.66
CA LEU A 140 -7.38 20.39 17.25
C LEU A 140 -7.49 21.89 17.02
N VAL A 141 -7.22 22.31 15.79
CA VAL A 141 -7.27 23.72 15.39
C VAL A 141 -7.77 23.87 13.97
N GLY A 142 -8.07 25.10 13.58
CA GLY A 142 -8.57 25.37 12.25
C GLY A 142 -10.08 25.51 12.25
N GLU A 143 -10.62 26.14 11.22
CA GLU A 143 -12.07 26.33 11.13
C GLU A 143 -12.77 25.01 10.84
N THR A 144 -12.88 24.17 11.87
CA THR A 144 -13.52 22.89 11.72
C THR A 144 -14.28 22.51 12.98
N PRO A 145 -15.49 21.94 12.82
CA PRO A 145 -16.28 21.54 13.99
C PRO A 145 -15.51 20.49 14.78
N ILE A 146 -15.51 20.59 16.10
CA ILE A 146 -14.81 19.62 16.92
C ILE A 146 -15.17 18.18 16.55
N LYS A 147 -16.39 17.96 16.09
CA LYS A 147 -16.83 16.62 15.73
C LYS A 147 -16.20 16.09 14.44
N ASN A 148 -15.57 16.97 13.68
CA ASN A 148 -14.95 16.56 12.42
C ASN A 148 -13.46 16.26 12.56
N PHE A 149 -13.00 16.07 13.79
CA PHE A 149 -11.60 15.74 14.03
C PHE A 149 -11.52 14.24 14.25
N GLN A 150 -10.57 13.60 13.59
CA GLN A 150 -10.42 12.17 13.71
C GLN A 150 -10.23 11.69 15.14
N TRP A 151 -9.48 12.43 15.96
CA TRP A 151 -9.25 12.01 17.34
C TRP A 151 -10.52 12.01 18.16
N VAL A 152 -11.36 13.00 17.92
CA VAL A 152 -12.62 13.14 18.63
C VAL A 152 -13.51 11.95 18.27
N ARG A 153 -13.57 11.62 16.98
CA ARG A 153 -14.37 10.51 16.50
C ARG A 153 -13.83 9.18 17.01
N GLN A 154 -12.53 9.12 17.26
CA GLN A 154 -11.90 7.92 17.76
C GLN A 154 -12.30 7.69 19.20
N CYS A 155 -12.15 8.72 20.03
CA CYS A 155 -12.53 8.64 21.44
C CYS A 155 -13.98 8.24 21.60
N LEU A 156 -14.86 8.87 20.83
CA LEU A 156 -16.29 8.57 20.89
C LEU A 156 -16.52 7.07 20.72
N LYS A 157 -16.12 6.53 19.57
CA LYS A 157 -16.28 5.10 19.30
C LYS A 157 -15.70 4.25 20.43
N ASN A 158 -14.49 4.57 20.86
CA ASN A 158 -13.84 3.82 21.91
C ASN A 158 -14.51 4.03 23.27
N GLY A 159 -15.33 5.06 23.36
CA GLY A 159 -16.00 5.35 24.61
C GLY A 159 -15.06 6.03 25.58
N GLU A 160 -13.83 6.30 25.14
CA GLU A 160 -12.85 6.96 25.99
C GLU A 160 -13.11 8.46 26.04
N GLU A 161 -12.56 9.10 27.05
CA GLU A 161 -12.72 10.54 27.25
C GLU A 161 -11.75 11.36 26.41
N ILE A 162 -12.11 12.60 26.14
CA ILE A 162 -11.27 13.50 25.34
C ILE A 162 -10.47 14.45 26.22
N HIS A 163 -9.19 14.14 26.42
CA HIS A 163 -8.34 14.99 27.25
C HIS A 163 -7.40 15.83 26.37
N LEU A 164 -7.53 17.15 26.49
CA LEU A 164 -6.71 18.08 25.73
C LEU A 164 -5.91 18.95 26.68
N VAL A 165 -4.71 19.36 26.28
CA VAL A 165 -3.89 20.21 27.13
C VAL A 165 -3.77 21.58 26.48
N LEU A 166 -3.57 22.60 27.31
CA LEU A 166 -3.43 23.95 26.80
C LEU A 166 -1.96 24.33 26.73
N ASP A 167 -1.38 24.28 25.54
CA ASP A 167 0.03 24.64 25.37
C ASP A 167 0.24 25.65 24.25
N THR A 168 1.49 26.06 24.07
CA THR A 168 1.84 27.05 23.06
C THR A 168 1.99 26.43 21.67
N PRO A 169 1.40 27.08 20.65
CA PRO A 169 1.47 26.59 19.26
C PRO A 169 2.91 26.48 18.79
N PRO A 170 3.22 25.42 18.02
CA PRO A 170 4.57 25.22 17.52
C PRO A 170 4.93 26.31 16.51
N ASP A 171 6.07 26.94 16.73
CA ASP A 171 6.54 28.01 15.87
C ASP A 171 6.85 27.48 14.48
N PRO A 172 6.13 27.98 13.47
CA PRO A 172 6.32 27.56 12.08
C PRO A 172 7.73 27.80 11.54
N ALA A 173 8.53 28.56 12.28
CA ALA A 173 9.90 28.82 11.85
C ALA A 173 10.72 27.55 11.96
N LEU A 174 10.24 26.60 12.76
CA LEU A 174 10.94 25.33 12.92
C LEU A 174 10.82 24.47 11.65
N ASP A 175 9.90 24.83 10.76
CA ASP A 175 9.71 24.09 9.51
C ASP A 175 10.43 24.75 8.35
N GLU A 176 11.33 25.68 8.69
CA GLU A 176 12.10 26.40 7.69
C GLU A 176 12.69 25.46 6.64
N VAL A 177 12.65 25.88 5.38
CA VAL A 177 13.20 25.09 4.29
C VAL A 177 14.52 25.71 3.81
N ARG A 178 15.50 24.86 3.53
CA ARG A 178 16.80 25.32 3.06
C ARG A 178 16.68 26.13 1.79
N LYS A 179 17.66 26.99 1.57
CA LYS A 179 17.72 27.85 0.40
C LYS A 179 17.86 27.02 -0.88
N GLU A 180 17.16 27.43 -1.93
CA GLU A 180 17.23 26.73 -3.22
C GLU A 180 17.73 27.65 -4.31
N THR A 210 18.52 15.79 -37.49
CA THR A 210 18.34 17.04 -36.76
C THR A 210 17.02 17.00 -35.99
N VAL A 211 15.93 17.32 -36.67
CA VAL A 211 14.61 17.33 -36.04
C VAL A 211 13.56 16.68 -36.95
N SER A 212 13.67 15.37 -37.13
CA SER A 212 12.72 14.63 -37.95
C SER A 212 11.38 14.55 -37.20
N LEU A 213 10.28 14.45 -37.94
CA LEU A 213 8.95 14.38 -37.32
C LEU A 213 8.40 12.95 -37.31
N TRP A 214 7.07 12.85 -37.22
CA TRP A 214 6.39 11.55 -37.20
C TRP A 214 6.80 10.67 -38.37
N ASP A 215 6.61 11.21 -39.57
CA ASP A 215 6.93 10.53 -40.82
C ASP A 215 8.23 9.72 -40.85
N CYS A 216 8.06 8.41 -40.88
CA CYS A 216 9.14 7.43 -40.93
C CYS A 216 8.45 6.11 -41.22
N ASP A 217 7.96 5.99 -42.45
CA ASP A 217 7.24 4.81 -42.91
C ASP A 217 8.03 3.53 -42.73
N ARG A 218 9.34 3.65 -42.52
CA ARG A 218 10.16 2.46 -42.35
C ARG A 218 9.74 1.66 -41.11
N LYS A 219 9.90 0.34 -41.20
CA LYS A 219 9.53 -0.54 -40.10
C LYS A 219 10.63 -0.52 -39.03
N PHE A 220 10.22 -0.59 -37.77
CA PHE A 220 11.16 -0.59 -36.66
C PHE A 220 11.92 -1.90 -36.61
N ARG A 221 13.21 -1.82 -36.31
CA ARG A 221 14.05 -3.00 -36.21
C ARG A 221 15.11 -2.85 -35.12
N VAL A 222 15.55 -3.97 -34.57
CA VAL A 222 16.59 -3.94 -33.55
C VAL A 222 17.54 -5.09 -33.84
N LYS A 223 18.82 -4.90 -33.55
CA LYS A 223 19.80 -5.94 -33.78
C LYS A 223 20.25 -6.59 -32.47
N ILE A 224 20.11 -7.92 -32.41
CA ILE A 224 20.52 -8.67 -31.24
C ILE A 224 21.96 -9.14 -31.50
N ARG A 225 22.92 -8.51 -30.83
CA ARG A 225 24.32 -8.89 -30.99
C ARG A 225 24.66 -10.15 -30.23
N GLY A 226 24.38 -10.17 -28.93
CA GLY A 226 24.66 -11.36 -28.14
C GLY A 226 24.29 -11.25 -26.67
N ILE A 227 24.50 -12.33 -25.93
CA ILE A 227 24.20 -12.32 -24.51
C ILE A 227 25.43 -12.84 -23.77
N ASP A 228 25.65 -12.32 -22.55
CA ASP A 228 26.82 -12.72 -21.76
C ASP A 228 26.54 -12.88 -20.28
N ILE A 229 26.97 -14.01 -19.72
CA ILE A 229 26.76 -14.26 -18.30
C ILE A 229 27.99 -14.97 -17.71
N PRO A 230 28.62 -14.36 -16.69
CA PRO A 230 29.80 -14.92 -16.03
C PRO A 230 29.67 -16.40 -15.71
N VAL A 231 28.65 -16.75 -14.94
CA VAL A 231 28.40 -18.15 -14.57
C VAL A 231 27.11 -18.60 -15.23
N LEU A 232 27.05 -19.86 -15.64
CA LEU A 232 25.84 -20.37 -16.26
C LEU A 232 25.28 -21.55 -15.49
N PRO A 233 23.97 -21.80 -15.64
CA PRO A 233 23.18 -22.87 -15.01
C PRO A 233 23.83 -24.25 -14.91
N ARG A 234 23.27 -25.09 -14.04
CA ARG A 234 23.78 -26.44 -13.83
C ARG A 234 22.95 -27.52 -14.52
N THR A 235 23.09 -27.61 -15.83
CA THR A 235 22.38 -28.59 -16.66
C THR A 235 23.15 -28.67 -17.98
N ALA A 236 23.94 -27.64 -18.22
CA ALA A 236 24.81 -27.49 -19.40
C ALA A 236 24.43 -28.05 -20.76
N ASP A 237 23.17 -28.42 -20.96
CA ASP A 237 22.74 -28.91 -22.27
C ASP A 237 21.50 -28.13 -22.64
N LEU A 238 21.46 -26.91 -22.12
CA LEU A 238 20.36 -25.98 -22.31
C LEU A 238 20.45 -25.21 -23.61
N THR A 239 19.30 -24.76 -24.08
CA THR A 239 19.21 -23.97 -25.31
C THR A 239 18.52 -22.67 -24.94
N VAL A 240 18.89 -21.59 -25.63
CA VAL A 240 18.30 -20.30 -25.37
C VAL A 240 18.18 -19.44 -26.62
N PHE A 241 17.11 -18.65 -26.67
CA PHE A 241 16.86 -17.75 -27.77
C PHE A 241 16.36 -16.44 -27.19
N VAL A 242 16.50 -15.37 -27.96
CA VAL A 242 16.05 -14.07 -27.52
C VAL A 242 14.72 -13.73 -28.16
N GLU A 243 13.80 -13.20 -27.36
CA GLU A 243 12.48 -12.79 -27.83
C GLU A 243 12.39 -11.30 -27.59
N ALA A 244 12.05 -10.55 -28.63
CA ALA A 244 11.92 -9.11 -28.52
C ALA A 244 10.47 -8.73 -28.76
N ASN A 245 9.87 -8.04 -27.80
CA ASN A 245 8.49 -7.61 -27.92
C ASN A 245 8.39 -6.11 -27.85
N ILE A 246 7.47 -5.55 -28.62
CA ILE A 246 7.20 -4.12 -28.59
C ILE A 246 5.91 -4.12 -27.78
N GLN A 247 6.02 -3.77 -26.50
CA GLN A 247 4.87 -3.76 -25.59
C GLN A 247 4.32 -2.38 -25.26
N TYR A 248 3.04 -2.35 -24.95
CA TYR A 248 2.33 -1.13 -24.56
C TYR A 248 1.18 -1.60 -23.68
N GLY A 249 0.99 -0.94 -22.53
CA GLY A 249 -0.08 -1.34 -21.64
C GLY A 249 -0.11 -2.84 -21.40
N GLN A 250 1.06 -3.40 -21.13
CA GLN A 250 1.21 -4.82 -20.87
C GLN A 250 0.71 -5.71 -22.03
N GLN A 251 0.50 -5.12 -23.20
CA GLN A 251 0.06 -5.88 -24.36
C GLN A 251 1.19 -5.85 -25.39
N VAL A 252 1.38 -6.96 -26.10
CA VAL A 252 2.43 -7.03 -27.12
C VAL A 252 1.86 -6.59 -28.47
N LEU A 253 2.45 -5.54 -29.04
CA LEU A 253 2.02 -5.04 -30.34
C LEU A 253 2.64 -5.90 -31.45
N CYS A 254 3.90 -6.25 -31.27
CA CYS A 254 4.59 -7.11 -32.22
C CYS A 254 5.69 -7.90 -31.53
N GLN A 255 5.97 -9.09 -32.03
CA GLN A 255 6.98 -9.96 -31.46
C GLN A 255 7.90 -10.56 -32.52
N ARG A 256 9.18 -10.69 -32.18
CA ARG A 256 10.19 -11.28 -33.04
C ARG A 256 11.11 -12.11 -32.15
N ARG A 257 11.62 -13.21 -32.70
CA ARG A 257 12.49 -14.11 -31.94
C ARG A 257 13.70 -14.55 -32.77
N THR A 258 14.77 -14.92 -32.08
CA THR A 258 15.98 -15.40 -32.75
C THR A 258 15.90 -16.92 -32.68
N SER A 259 16.79 -17.59 -33.40
CA SER A 259 16.84 -19.05 -33.40
C SER A 259 17.44 -19.56 -32.10
N PRO A 260 17.20 -20.83 -31.77
CA PRO A 260 17.75 -21.40 -30.55
C PRO A 260 19.23 -21.76 -30.73
N LYS A 261 20.02 -21.57 -29.68
CA LYS A 261 21.45 -21.90 -29.70
C LYS A 261 21.83 -22.43 -28.33
N PRO A 262 22.91 -23.22 -28.26
CA PRO A 262 23.36 -23.78 -26.97
C PRO A 262 23.57 -22.67 -25.96
N PHE A 263 23.20 -22.93 -24.71
CA PHE A 263 23.36 -21.94 -23.66
C PHE A 263 24.76 -21.98 -23.07
N THR A 264 25.59 -21.03 -23.49
CA THR A 264 26.96 -20.93 -23.02
C THR A 264 27.21 -19.51 -22.50
N GLU A 265 28.30 -19.33 -21.76
CA GLU A 265 28.63 -18.03 -21.19
C GLU A 265 28.46 -16.87 -22.16
N GLU A 266 28.78 -17.09 -23.42
CA GLU A 266 28.62 -16.06 -24.43
C GLU A 266 27.93 -16.64 -25.68
N VAL A 267 26.83 -16.02 -26.08
CA VAL A 267 26.08 -16.48 -27.25
C VAL A 267 25.86 -15.29 -28.18
N LEU A 268 26.43 -15.38 -29.38
CA LEU A 268 26.30 -14.31 -30.36
C LEU A 268 25.30 -14.68 -31.45
N TRP A 269 24.60 -13.68 -31.96
CA TRP A 269 23.60 -13.86 -33.01
C TRP A 269 23.87 -12.90 -34.16
N ASN A 270 24.09 -11.64 -33.82
CA ASN A 270 24.34 -10.61 -34.81
C ASN A 270 23.29 -10.70 -35.91
N VAL A 271 22.03 -10.80 -35.50
CA VAL A 271 20.90 -10.92 -36.43
C VAL A 271 19.92 -9.77 -36.25
N TRP A 272 19.48 -9.17 -37.36
CA TRP A 272 18.52 -8.06 -37.30
C TRP A 272 17.09 -8.57 -37.18
N LEU A 273 16.35 -7.98 -36.24
CA LEU A 273 14.95 -8.34 -36.03
C LEU A 273 14.09 -7.15 -36.44
N GLU A 274 13.41 -7.27 -37.57
CA GLU A 274 12.57 -6.18 -38.05
C GLU A 274 11.11 -6.45 -37.66
N PHE A 275 10.45 -5.43 -37.14
CA PHE A 275 9.06 -5.58 -36.71
C PHE A 275 8.07 -5.08 -37.76
N SER A 276 6.83 -5.54 -37.65
CA SER A 276 5.79 -5.13 -38.58
C SER A 276 5.21 -3.76 -38.28
N ILE A 277 5.70 -3.10 -37.23
CA ILE A 277 5.17 -1.78 -36.90
C ILE A 277 6.07 -0.67 -37.45
N LYS A 278 5.46 0.40 -37.95
CA LYS A 278 6.23 1.51 -38.50
C LYS A 278 6.68 2.48 -37.40
N ILE A 279 7.91 2.97 -37.53
CA ILE A 279 8.46 3.92 -36.57
C ILE A 279 7.44 5.00 -36.20
N LYS A 280 6.79 5.58 -37.20
CA LYS A 280 5.82 6.64 -36.96
C LYS A 280 4.61 6.19 -36.15
N ASP A 281 4.41 4.87 -36.04
CA ASP A 281 3.29 4.34 -35.28
C ASP A 281 3.64 4.02 -33.82
N LEU A 282 4.92 4.08 -33.48
CA LEU A 282 5.34 3.81 -32.10
C LEU A 282 4.74 4.89 -31.19
N PRO A 283 3.97 4.48 -30.17
CA PRO A 283 3.34 5.41 -29.21
C PRO A 283 4.26 5.74 -28.02
N LYS A 284 4.14 6.95 -27.48
CA LYS A 284 4.96 7.35 -26.36
C LYS A 284 4.70 6.45 -25.15
N GLY A 285 5.75 5.82 -24.64
CA GLY A 285 5.59 4.93 -23.50
C GLY A 285 5.75 3.47 -23.89
N ALA A 286 5.92 3.21 -25.18
CA ALA A 286 6.09 1.83 -25.63
C ALA A 286 7.45 1.35 -25.17
N LEU A 287 7.54 0.05 -24.91
CA LEU A 287 8.80 -0.54 -24.48
C LEU A 287 9.28 -1.66 -25.39
N LEU A 288 10.60 -1.80 -25.48
CA LEU A 288 11.19 -2.88 -26.21
C LEU A 288 11.51 -3.83 -25.07
N ASN A 289 10.72 -4.91 -24.98
CA ASN A 289 10.90 -5.90 -23.94
C ASN A 289 11.73 -7.05 -24.49
N LEU A 290 12.91 -7.22 -23.93
CA LEU A 290 13.85 -8.26 -24.36
C LEU A 290 13.86 -9.40 -23.36
N GLN A 291 13.57 -10.61 -23.83
CA GLN A 291 13.55 -11.75 -22.94
C GLN A 291 14.30 -12.97 -23.43
N ILE A 292 14.89 -13.70 -22.49
CA ILE A 292 15.68 -14.89 -22.82
C ILE A 292 14.98 -16.14 -22.28
N TYR A 293 14.74 -17.10 -23.18
CA TYR A 293 14.09 -18.35 -22.82
C TYR A 293 15.11 -19.51 -22.77
N CYS A 294 14.97 -20.37 -21.77
CA CYS A 294 15.88 -21.49 -21.61
C CYS A 294 15.22 -22.84 -21.68
N GLY A 295 15.56 -23.61 -22.72
CA GLY A 295 14.99 -24.93 -22.90
C GLY A 295 16.04 -26.02 -22.88
N ALA A 296 15.68 -27.21 -23.34
CA ALA A 296 16.62 -28.32 -23.36
C ALA A 296 16.95 -28.72 -24.80
N LYS A 297 18.16 -29.23 -25.01
CA LYS A 297 18.57 -29.66 -26.35
C LYS A 297 19.43 -30.92 -26.28
N GLN A 318 10.97 -21.55 -21.49
CA GLN A 318 10.88 -21.03 -20.13
C GLN A 318 11.65 -19.71 -19.95
N LEU A 319 10.94 -18.64 -19.63
CA LEU A 319 11.55 -17.33 -19.44
C LEU A 319 12.48 -17.33 -18.22
N LEU A 320 13.69 -16.80 -18.40
CA LEU A 320 14.68 -16.75 -17.31
C LEU A 320 15.27 -15.37 -17.03
N TYR A 321 15.35 -14.54 -18.06
CA TYR A 321 15.91 -13.20 -17.92
C TYR A 321 15.12 -12.20 -18.74
N TYR A 322 15.05 -10.97 -18.25
CA TYR A 322 14.35 -9.91 -18.97
C TYR A 322 14.88 -8.55 -18.62
N VAL A 323 14.70 -7.63 -19.57
CA VAL A 323 15.09 -6.24 -19.37
C VAL A 323 14.31 -5.43 -20.41
N ASN A 324 13.96 -4.20 -20.04
CA ASN A 324 13.20 -3.33 -20.93
C ASN A 324 13.93 -2.05 -21.24
N LEU A 325 13.48 -1.39 -22.29
CA LEU A 325 14.05 -0.14 -22.75
C LEU A 325 12.94 0.68 -23.41
N LEU A 326 12.73 1.89 -22.91
CA LEU A 326 11.71 2.79 -23.44
C LEU A 326 12.14 3.20 -24.86
N LEU A 327 11.25 3.02 -25.84
CA LEU A 327 11.57 3.33 -27.23
C LEU A 327 11.61 4.83 -27.53
N ILE A 328 10.80 5.57 -26.79
CA ILE A 328 10.76 7.01 -26.92
C ILE A 328 11.20 7.49 -25.54
N ASP A 329 12.25 8.30 -25.47
CA ASP A 329 12.74 8.77 -24.18
C ASP A 329 11.96 9.95 -23.62
N HIS A 330 12.34 10.38 -22.42
CA HIS A 330 11.68 11.47 -21.74
C HIS A 330 11.69 12.78 -22.50
N ARG A 331 12.54 12.89 -23.51
CA ARG A 331 12.62 14.10 -24.31
C ARG A 331 11.95 13.93 -25.67
N PHE A 332 11.11 12.91 -25.79
CA PHE A 332 10.39 12.65 -27.02
C PHE A 332 11.29 12.27 -28.19
N LEU A 333 12.51 11.83 -27.90
CA LEU A 333 13.45 11.43 -28.93
C LEU A 333 13.42 9.92 -29.09
N LEU A 334 13.61 9.44 -30.32
CA LEU A 334 13.62 8.02 -30.60
C LEU A 334 14.93 7.43 -30.08
N ARG A 335 14.83 6.34 -29.35
CA ARG A 335 16.01 5.69 -28.79
C ARG A 335 16.90 5.12 -29.89
N HIS A 336 18.19 5.46 -29.86
CA HIS A 336 19.13 4.97 -30.87
C HIS A 336 20.46 4.67 -30.24
N GLY A 337 21.32 4.01 -31.00
CA GLY A 337 22.64 3.69 -30.49
C GLY A 337 22.80 2.26 -30.04
N GLU A 338 23.98 1.96 -29.49
CA GLU A 338 24.31 0.63 -28.99
C GLU A 338 23.94 0.60 -27.51
N TYR A 339 23.57 -0.57 -27.00
CA TYR A 339 23.22 -0.69 -25.60
C TYR A 339 23.65 -2.02 -25.02
N VAL A 340 24.12 -1.98 -23.77
CA VAL A 340 24.53 -3.18 -23.05
C VAL A 340 23.67 -3.09 -21.79
N LEU A 341 22.62 -3.91 -21.74
CA LEU A 341 21.68 -3.91 -20.62
C LEU A 341 21.75 -5.17 -19.78
N HIS A 342 21.92 -4.99 -18.47
CA HIS A 342 21.97 -6.13 -17.57
C HIS A 342 20.54 -6.42 -17.16
N MET A 343 20.21 -7.70 -17.22
CA MET A 343 18.84 -8.12 -17.00
C MET A 343 18.49 -8.64 -15.63
N TRP A 344 17.19 -8.79 -15.41
CA TRP A 344 16.72 -9.32 -14.16
C TRP A 344 16.46 -10.80 -14.38
N GLN A 345 16.58 -11.60 -13.34
CA GLN A 345 16.35 -13.02 -13.44
C GLN A 345 14.97 -13.34 -12.89
N LEU A 346 14.24 -14.19 -13.59
CA LEU A 346 12.90 -14.56 -13.20
C LEU A 346 12.96 -15.61 -12.09
N SER A 347 12.28 -15.33 -10.99
CA SER A 347 12.26 -16.25 -9.87
C SER A 347 11.22 -17.34 -10.05
N GLY A 348 10.07 -16.96 -10.61
CA GLY A 348 9.00 -17.91 -10.85
C GLY A 348 9.28 -18.83 -12.03
N LYS A 349 9.71 -20.05 -11.74
CA LYS A 349 10.01 -21.03 -12.78
C LYS A 349 8.76 -21.36 -13.60
N GLY A 350 8.59 -20.64 -14.71
CA GLY A 350 7.43 -20.87 -15.56
C GLY A 350 7.67 -20.39 -16.98
N PHE A 356 2.47 -10.30 -15.78
CA PHE A 356 2.60 -11.14 -14.60
C PHE A 356 2.82 -10.33 -13.32
N ASN A 357 3.52 -9.20 -13.43
CA ASN A 357 3.73 -8.31 -12.29
C ASN A 357 4.50 -7.04 -12.61
N ALA A 358 4.35 -6.05 -11.74
CA ALA A 358 4.98 -4.74 -11.90
C ALA A 358 6.46 -4.73 -12.21
N ASP A 359 7.22 -5.64 -11.60
CA ASP A 359 8.66 -5.70 -11.84
C ASP A 359 9.05 -5.95 -13.28
N LYS A 360 8.25 -6.74 -13.99
CA LYS A 360 8.57 -7.03 -15.38
C LYS A 360 8.46 -5.82 -16.29
N LEU A 361 7.87 -4.74 -15.81
CA LEU A 361 7.71 -3.55 -16.65
C LEU A 361 8.78 -2.50 -16.43
N THR A 362 9.67 -2.71 -15.47
CA THR A 362 10.66 -1.69 -15.16
C THR A 362 11.67 -1.33 -16.25
N SER A 363 11.99 -0.05 -16.34
CA SER A 363 12.98 0.44 -17.29
C SER A 363 14.35 0.37 -16.61
N ALA A 364 14.37 -0.04 -15.35
CA ALA A 364 15.64 -0.12 -14.64
C ALA A 364 16.40 -1.37 -15.02
N THR A 365 17.72 -1.24 -15.02
CA THR A 365 18.61 -2.35 -15.33
C THR A 365 19.13 -2.95 -14.01
N ASN A 366 19.60 -4.19 -14.03
CA ASN A 366 20.12 -4.86 -12.84
C ASN A 366 21.47 -4.23 -12.46
N PRO A 367 21.59 -3.66 -11.24
CA PRO A 367 22.89 -3.04 -10.86
C PRO A 367 24.04 -4.00 -10.62
N ASP A 368 23.74 -5.29 -10.46
CA ASP A 368 24.76 -6.29 -10.22
C ASP A 368 25.30 -6.78 -11.56
N LYS A 369 26.32 -6.09 -12.06
CA LYS A 369 26.92 -6.43 -13.35
C LYS A 369 27.78 -7.69 -13.34
N GLU A 370 28.53 -7.88 -12.25
CA GLU A 370 29.43 -9.01 -12.10
C GLU A 370 28.78 -10.39 -12.04
N ASN A 371 27.47 -10.45 -11.79
CA ASN A 371 26.84 -11.76 -11.69
C ASN A 371 25.65 -11.99 -12.61
N SER A 372 25.01 -10.91 -13.04
CA SER A 372 23.84 -11.01 -13.90
C SER A 372 24.13 -11.26 -15.37
N MET A 373 23.05 -11.49 -16.11
CA MET A 373 23.11 -11.72 -17.55
C MET A 373 23.00 -10.35 -18.21
N SER A 374 23.69 -10.15 -19.33
CA SER A 374 23.60 -8.87 -20.03
C SER A 374 23.30 -9.20 -21.48
N ILE A 375 22.59 -8.31 -22.15
CA ILE A 375 22.26 -8.50 -23.56
C ILE A 375 22.73 -7.25 -24.28
N SER A 376 23.43 -7.47 -25.39
CA SER A 376 23.97 -6.38 -26.19
C SER A 376 23.19 -6.24 -27.48
N ILE A 377 22.63 -5.06 -27.71
CA ILE A 377 21.84 -4.78 -28.90
C ILE A 377 22.26 -3.47 -29.53
N LEU A 378 21.83 -3.28 -30.78
CA LEU A 378 22.12 -2.09 -31.54
C LEU A 378 20.85 -1.53 -32.18
N LEU A 379 20.59 -0.25 -31.97
CA LEU A 379 19.42 0.43 -32.55
C LEU A 379 19.85 1.39 -33.66
N ASP A 380 18.96 1.60 -34.63
CA ASP A 380 19.20 2.48 -35.77
C ASP A 380 19.84 3.80 -35.35
N ASN A 381 20.96 4.13 -35.98
CA ASN A 381 21.69 5.32 -35.60
C ASN A 381 21.84 6.43 -36.65
N TYR A 382 20.77 7.16 -36.95
CA TYR A 382 20.91 8.27 -37.88
C TYR A 382 20.82 9.60 -37.13
N CYS A 383 20.04 10.54 -37.64
CA CYS A 383 19.93 11.84 -36.99
C CYS A 383 19.21 11.78 -35.64
N HIS A 384 18.14 12.55 -35.52
CA HIS A 384 17.37 12.60 -34.28
C HIS A 384 15.87 12.75 -34.51
N PRO A 385 15.17 11.63 -34.79
CA PRO A 385 13.72 11.67 -35.02
C PRO A 385 13.03 12.01 -33.71
N ILE A 386 12.08 12.95 -33.76
CA ILE A 386 11.37 13.37 -32.57
C ILE A 386 9.86 13.20 -32.70
N ALA A 387 9.25 12.64 -31.66
CA ALA A 387 7.80 12.43 -31.65
C ALA A 387 7.13 13.77 -31.38
N LEU A 388 6.22 14.16 -32.25
CA LEU A 388 5.53 15.43 -32.12
C LEU A 388 4.34 15.41 -31.16
N PRO A 389 4.31 16.35 -30.20
CA PRO A 389 3.21 16.42 -29.24
C PRO A 389 1.89 16.76 -29.95
N LYS A 390 0.83 16.06 -29.59
CA LYS A 390 -0.49 16.26 -30.20
C LYS A 390 -1.08 17.64 -29.96
N HIS A 391 -1.81 18.15 -30.95
CA HIS A 391 -2.48 19.45 -30.88
C HIS A 391 -3.90 19.29 -31.44
N ARG A 392 -4.88 19.27 -30.53
CA ARG A 392 -6.29 19.09 -30.89
C ARG A 392 -6.85 20.10 -31.90
N PRO A 393 -7.25 19.60 -33.09
CA PRO A 393 -7.82 20.47 -34.14
C PRO A 393 -9.27 20.82 -33.82
N THR A 394 -10.18 19.92 -34.16
CA THR A 394 -11.60 20.12 -33.91
C THR A 394 -11.87 20.31 -32.43
N ASP A 400 -14.74 14.25 -35.71
CA ASP A 400 -15.96 15.03 -35.74
C ASP A 400 -17.20 14.16 -35.58
N ARG A 401 -17.29 13.09 -36.35
CA ARG A 401 -18.43 12.18 -36.29
C ARG A 401 -18.68 11.67 -34.87
N VAL A 402 -19.51 12.41 -34.14
CA VAL A 402 -19.86 12.05 -32.78
C VAL A 402 -20.90 10.94 -32.79
N ARG A 403 -21.58 10.79 -33.92
CA ARG A 403 -22.62 9.78 -34.10
C ARG A 403 -23.33 9.46 -32.80
N ALA A 404 -24.16 10.40 -32.35
CA ALA A 404 -24.90 10.25 -31.11
C ALA A 404 -26.13 9.34 -31.16
N GLU A 405 -26.33 8.66 -32.29
CA GLU A 405 -27.47 7.77 -32.43
C GLU A 405 -27.08 6.39 -32.97
N MET A 406 -27.75 5.36 -32.44
CA MET A 406 -27.48 3.98 -32.84
C MET A 406 -28.73 3.12 -32.68
N PRO A 407 -28.76 1.94 -33.32
CA PRO A 407 -29.89 1.02 -33.25
C PRO A 407 -30.15 0.58 -31.81
N ASN A 408 -31.43 0.43 -31.46
CA ASN A 408 -31.79 0.01 -30.12
C ASN A 408 -30.98 -1.18 -29.62
N GLN A 409 -30.91 -2.24 -30.41
CA GLN A 409 -30.17 -3.43 -30.03
C GLN A 409 -28.68 -3.15 -29.82
N LEU A 410 -28.07 -2.42 -30.75
CA LEU A 410 -26.66 -2.07 -30.68
C LEU A 410 -26.41 -1.35 -29.36
N ARG A 411 -27.20 -0.31 -29.12
CA ARG A 411 -27.10 0.49 -27.90
C ARG A 411 -27.13 -0.42 -26.68
N LYS A 412 -28.18 -1.22 -26.56
CA LYS A 412 -28.33 -2.12 -25.42
C LYS A 412 -27.18 -3.10 -25.23
N GLN A 413 -26.58 -3.55 -26.32
CA GLN A 413 -25.48 -4.51 -26.20
C GLN A 413 -24.17 -3.79 -25.87
N LEU A 414 -24.16 -2.47 -26.07
CA LEU A 414 -23.00 -1.65 -25.76
C LEU A 414 -22.97 -1.44 -24.26
N GLU A 415 -24.14 -1.14 -23.70
CA GLU A 415 -24.28 -0.90 -22.27
C GLU A 415 -24.05 -2.18 -21.47
N ALA A 416 -24.22 -3.31 -22.13
CA ALA A 416 -24.02 -4.61 -21.48
C ALA A 416 -22.52 -4.83 -21.34
N ILE A 417 -21.76 -4.43 -22.36
CA ILE A 417 -20.30 -4.58 -22.33
C ILE A 417 -19.73 -3.70 -21.22
N ILE A 418 -20.16 -2.45 -21.17
CA ILE A 418 -19.70 -1.50 -20.17
C ILE A 418 -20.06 -1.94 -18.76
N ALA A 419 -21.29 -2.45 -18.61
CA ALA A 419 -21.79 -2.90 -17.32
C ALA A 419 -21.06 -4.12 -16.80
N THR A 420 -20.21 -4.71 -17.64
CA THR A 420 -19.46 -5.89 -17.25
C THR A 420 -18.33 -5.51 -16.28
N ASP A 421 -17.90 -6.46 -15.46
CA ASP A 421 -16.83 -6.21 -14.49
C ASP A 421 -15.48 -6.02 -15.17
N PRO A 422 -14.49 -5.46 -14.45
CA PRO A 422 -13.14 -5.21 -14.96
C PRO A 422 -12.40 -6.42 -15.53
N LEU A 423 -12.31 -7.49 -14.74
CA LEU A 423 -11.61 -8.70 -15.15
C LEU A 423 -12.18 -9.37 -16.40
N ASN A 424 -13.36 -8.94 -16.83
CA ASN A 424 -13.96 -9.53 -18.01
C ASN A 424 -13.30 -9.01 -19.26
N PRO A 425 -12.77 -9.91 -20.11
CA PRO A 425 -12.11 -9.53 -21.35
C PRO A 425 -13.07 -9.06 -22.44
N LEU A 426 -12.57 -8.21 -23.31
CA LEU A 426 -13.36 -7.68 -24.42
C LEU A 426 -12.94 -8.44 -25.67
N THR A 427 -13.92 -8.77 -26.51
CA THR A 427 -13.66 -9.48 -27.75
C THR A 427 -13.34 -8.46 -28.82
N ALA A 428 -12.83 -8.93 -29.95
CA ALA A 428 -12.52 -8.05 -31.07
C ALA A 428 -13.77 -7.27 -31.45
N GLU A 429 -14.91 -7.95 -31.48
CA GLU A 429 -16.18 -7.31 -31.86
C GLU A 429 -16.59 -6.32 -30.78
N ASP A 430 -16.31 -6.67 -29.52
CA ASP A 430 -16.63 -5.81 -28.38
C ASP A 430 -15.86 -4.51 -28.47
N LYS A 431 -14.58 -4.62 -28.82
CA LYS A 431 -13.72 -3.46 -28.94
C LYS A 431 -14.11 -2.59 -30.14
N GLU A 432 -14.54 -3.21 -31.23
CA GLU A 432 -14.94 -2.45 -32.42
C GLU A 432 -16.13 -1.56 -32.15
N LEU A 433 -17.10 -2.08 -31.40
CA LEU A 433 -18.31 -1.35 -31.06
C LEU A 433 -17.98 -0.17 -30.16
N LEU A 434 -17.15 -0.43 -29.15
CA LEU A 434 -16.75 0.60 -28.22
C LEU A 434 -16.04 1.74 -28.96
N TRP A 435 -15.10 1.38 -29.82
CA TRP A 435 -14.37 2.41 -30.55
C TRP A 435 -15.25 3.14 -31.57
N HIS A 436 -16.04 2.40 -32.33
CA HIS A 436 -16.90 3.03 -33.33
C HIS A 436 -17.78 4.07 -32.68
N PHE A 437 -18.35 3.72 -31.53
CA PHE A 437 -19.21 4.65 -30.80
C PHE A 437 -18.48 5.30 -29.63
N ARG A 438 -17.28 5.78 -29.90
CA ARG A 438 -16.46 6.44 -28.90
C ARG A 438 -17.23 7.46 -28.09
N TYR A 439 -17.69 8.52 -28.76
CA TYR A 439 -18.42 9.60 -28.10
C TYR A 439 -19.62 9.16 -27.28
N GLU A 440 -20.27 8.08 -27.71
CA GLU A 440 -21.41 7.58 -26.98
C GLU A 440 -20.89 6.94 -25.69
N SER A 441 -19.81 6.20 -25.82
CA SER A 441 -19.22 5.53 -24.67
C SER A 441 -18.68 6.59 -23.69
N LEU A 442 -18.17 7.68 -24.24
CA LEU A 442 -17.61 8.79 -23.45
C LEU A 442 -18.60 9.41 -22.48
N LYS A 443 -19.89 9.23 -22.75
CA LYS A 443 -20.90 9.82 -21.90
C LYS A 443 -21.03 9.09 -20.56
N ASP A 444 -20.37 7.94 -20.44
CA ASP A 444 -20.41 7.18 -19.19
C ASP A 444 -18.99 6.92 -18.65
N PRO A 445 -18.60 7.62 -17.57
CA PRO A 445 -17.28 7.47 -16.96
C PRO A 445 -16.87 6.01 -16.75
N LYS A 446 -17.80 5.18 -16.29
CA LYS A 446 -17.50 3.78 -16.01
C LYS A 446 -17.05 2.99 -17.24
N ALA A 447 -17.19 3.58 -18.42
CA ALA A 447 -16.80 2.90 -19.64
C ALA A 447 -15.39 3.27 -20.06
N TYR A 448 -14.80 4.26 -19.40
CA TYR A 448 -13.46 4.70 -19.79
C TYR A 448 -12.40 3.61 -19.85
N PRO A 449 -12.32 2.74 -18.82
CA PRO A 449 -11.30 1.68 -18.86
C PRO A 449 -11.48 0.80 -20.11
N LYS A 450 -12.69 0.27 -20.31
CA LYS A 450 -12.96 -0.58 -21.48
C LYS A 450 -12.68 0.17 -22.78
N LEU A 451 -13.17 1.40 -22.87
CA LEU A 451 -12.98 2.23 -24.07
C LEU A 451 -11.53 2.42 -24.43
N PHE A 452 -10.74 2.90 -23.47
CA PHE A 452 -9.35 3.12 -23.78
C PHE A 452 -8.53 1.85 -23.94
N SER A 453 -9.16 0.71 -23.63
CA SER A 453 -8.49 -0.57 -23.79
C SER A 453 -8.91 -1.12 -25.16
N SER A 454 -9.70 -0.34 -25.89
CA SER A 454 -10.18 -0.74 -27.21
C SER A 454 -9.50 0.13 -28.27
N VAL A 455 -8.55 0.93 -27.82
CA VAL A 455 -7.79 1.82 -28.66
C VAL A 455 -6.58 1.09 -29.24
N LYS A 456 -6.42 1.16 -30.56
CA LYS A 456 -5.25 0.52 -31.17
C LYS A 456 -4.12 1.52 -30.96
N TRP A 457 -3.41 1.39 -29.83
CA TRP A 457 -2.33 2.31 -29.53
C TRP A 457 -1.16 2.19 -30.49
N GLY A 458 -1.13 1.11 -31.26
CA GLY A 458 -0.06 0.93 -32.22
C GLY A 458 -0.33 1.60 -33.56
N GLN A 459 -1.30 2.51 -33.59
CA GLN A 459 -1.62 3.23 -34.82
C GLN A 459 -1.71 4.72 -34.61
N GLN A 460 -0.76 5.44 -35.19
CA GLN A 460 -0.70 6.89 -35.10
C GLN A 460 -2.06 7.57 -35.26
N GLU A 461 -2.71 7.31 -36.40
CA GLU A 461 -4.00 7.91 -36.72
C GLU A 461 -5.01 7.70 -35.60
N ILE A 462 -5.10 6.46 -35.10
CA ILE A 462 -6.04 6.14 -34.03
C ILE A 462 -5.72 6.88 -32.73
N VAL A 463 -4.45 6.91 -32.36
CA VAL A 463 -4.06 7.62 -31.14
C VAL A 463 -4.44 9.08 -31.23
N ALA A 464 -4.13 9.71 -32.37
CA ALA A 464 -4.47 11.12 -32.58
C ALA A 464 -5.95 11.31 -32.36
N LYS A 465 -6.75 10.38 -32.85
CA LYS A 465 -8.20 10.48 -32.69
C LYS A 465 -8.56 10.34 -31.23
N THR A 466 -7.78 9.53 -30.51
CA THR A 466 -8.02 9.33 -29.10
C THR A 466 -7.83 10.61 -28.30
N TYR A 467 -6.82 11.40 -28.66
CA TYR A 467 -6.60 12.66 -27.95
C TYR A 467 -7.68 13.68 -28.31
N GLN A 468 -8.18 13.60 -29.53
CA GLN A 468 -9.25 14.49 -29.96
C GLN A 468 -10.46 14.20 -29.08
N LEU A 469 -10.70 12.91 -28.86
CA LEU A 469 -11.81 12.44 -28.04
C LEU A 469 -11.68 12.97 -26.63
N LEU A 470 -10.50 12.79 -26.04
CA LEU A 470 -10.26 13.24 -24.67
C LEU A 470 -10.27 14.76 -24.53
N ALA A 471 -10.05 15.46 -25.63
CA ALA A 471 -10.07 16.93 -25.61
C ALA A 471 -11.35 17.40 -24.93
N LYS A 472 -12.49 16.85 -25.38
CA LYS A 472 -13.78 17.20 -24.80
C LYS A 472 -14.08 16.25 -23.65
N ARG A 473 -13.62 16.61 -22.46
CA ARG A 473 -13.84 15.79 -21.27
C ARG A 473 -14.74 16.46 -20.25
N GLU A 474 -15.70 17.25 -20.71
CA GLU A 474 -16.59 17.93 -19.78
C GLU A 474 -17.33 16.94 -18.90
N VAL A 475 -17.72 15.81 -19.49
CA VAL A 475 -18.44 14.78 -18.74
C VAL A 475 -17.57 14.16 -17.65
N TRP A 476 -16.32 13.88 -17.99
CA TRP A 476 -15.39 13.32 -17.03
C TRP A 476 -14.97 14.38 -16.02
N ASP A 477 -14.81 15.62 -16.46
CA ASP A 477 -14.40 16.67 -15.53
C ASP A 477 -15.43 16.92 -14.44
N GLN A 478 -16.71 16.78 -14.79
CA GLN A 478 -17.81 17.01 -13.84
C GLN A 478 -18.24 15.76 -13.09
N SER A 479 -17.84 14.60 -13.60
CA SER A 479 -18.20 13.33 -12.98
C SER A 479 -17.77 13.31 -11.52
N ALA A 480 -18.45 12.51 -10.70
CA ALA A 480 -18.11 12.41 -9.28
C ALA A 480 -16.85 11.57 -9.14
N LEU A 481 -16.03 11.87 -8.14
CA LEU A 481 -14.79 11.12 -7.91
C LEU A 481 -15.12 9.67 -7.53
N ASP A 482 -14.65 8.73 -8.34
CA ASP A 482 -14.86 7.30 -8.10
C ASP A 482 -13.45 6.69 -7.98
N VAL A 483 -12.94 6.55 -6.76
CA VAL A 483 -11.61 6.01 -6.55
C VAL A 483 -11.35 4.70 -7.31
N GLY A 484 -12.30 3.77 -7.25
CA GLY A 484 -12.16 2.50 -7.93
C GLY A 484 -11.91 2.64 -9.42
N LEU A 485 -12.75 3.47 -10.05
CA LEU A 485 -12.67 3.75 -11.48
C LEU A 485 -11.34 4.41 -11.82
N THR A 486 -10.93 5.36 -10.98
CA THR A 486 -9.69 6.07 -11.23
C THR A 486 -8.46 5.16 -11.18
N MET A 487 -8.41 4.27 -10.19
CA MET A 487 -7.29 3.35 -10.05
C MET A 487 -7.16 2.46 -11.29
N GLN A 488 -8.30 2.08 -11.85
CA GLN A 488 -8.28 1.21 -13.03
C GLN A 488 -7.47 1.82 -14.18
N LEU A 489 -7.46 3.15 -14.28
CA LEU A 489 -6.72 3.82 -15.34
C LEU A 489 -5.25 4.06 -15.02
N LEU A 490 -4.85 3.67 -13.82
CA LEU A 490 -3.47 3.83 -13.37
C LEU A 490 -2.76 2.49 -13.20
N ASP A 491 -3.35 1.40 -13.70
CA ASP A 491 -2.72 0.08 -13.58
C ASP A 491 -1.85 -0.28 -14.79
N CYS A 492 -1.48 -1.56 -14.90
CA CYS A 492 -0.62 -2.03 -15.99
C CYS A 492 -1.20 -1.97 -17.40
N ASN A 493 -2.51 -1.79 -17.51
CA ASN A 493 -3.18 -1.74 -18.80
C ASN A 493 -3.11 -0.43 -19.59
N PHE A 494 -2.70 0.66 -18.93
CA PHE A 494 -2.62 1.94 -19.62
C PHE A 494 -1.23 2.57 -19.51
N SER A 495 -0.60 2.82 -20.65
CA SER A 495 0.73 3.42 -20.68
C SER A 495 0.70 4.83 -21.25
N ASP A 496 -0.44 5.23 -21.81
CA ASP A 496 -0.56 6.57 -22.38
C ASP A 496 -0.66 7.63 -21.30
N GLU A 497 0.22 8.63 -21.38
CA GLU A 497 0.27 9.71 -20.41
C GLU A 497 -1.04 10.50 -20.26
N ASN A 498 -1.73 10.77 -21.37
CA ASN A 498 -2.98 11.51 -21.33
C ASN A 498 -4.07 10.78 -20.57
N VAL A 499 -4.23 9.48 -20.80
CA VAL A 499 -5.26 8.71 -20.08
C VAL A 499 -4.92 8.68 -18.60
N ARG A 500 -3.66 8.43 -18.26
CA ARG A 500 -3.25 8.38 -16.85
C ARG A 500 -3.42 9.75 -16.19
N ALA A 501 -3.05 10.81 -16.91
CA ALA A 501 -3.17 12.16 -16.38
C ALA A 501 -4.60 12.51 -15.99
N ILE A 502 -5.59 12.03 -16.73
CA ILE A 502 -6.97 12.36 -16.37
C ILE A 502 -7.38 11.63 -15.12
N ALA A 503 -6.77 10.48 -14.85
CA ALA A 503 -7.13 9.77 -13.64
C ALA A 503 -6.59 10.61 -12.48
N VAL A 504 -5.33 11.03 -12.58
CA VAL A 504 -4.71 11.84 -11.55
C VAL A 504 -5.52 13.13 -11.32
N GLN A 505 -6.05 13.68 -12.40
CA GLN A 505 -6.84 14.91 -12.31
C GLN A 505 -7.95 14.73 -11.30
N LYS A 506 -8.60 13.58 -11.33
CA LYS A 506 -9.68 13.31 -10.39
C LYS A 506 -9.18 13.14 -8.96
N LEU A 507 -8.00 12.53 -8.80
CA LEU A 507 -7.47 12.32 -7.45
C LEU A 507 -7.25 13.64 -6.72
N GLU A 508 -7.04 14.72 -7.47
CA GLU A 508 -6.82 16.05 -6.89
C GLU A 508 -7.96 16.43 -5.96
N SER A 509 -9.12 15.82 -6.17
CA SER A 509 -10.31 16.09 -5.36
C SER A 509 -10.32 15.41 -3.99
N LEU A 510 -9.44 14.44 -3.76
CA LEU A 510 -9.39 13.73 -2.47
C LEU A 510 -8.95 14.63 -1.32
N GLU A 511 -9.63 14.52 -0.17
CA GLU A 511 -9.23 15.31 1.00
C GLU A 511 -8.14 14.50 1.71
N ASP A 512 -7.27 15.16 2.47
CA ASP A 512 -6.18 14.46 3.15
C ASP A 512 -6.56 13.13 3.82
N ASP A 513 -7.69 13.10 4.51
CA ASP A 513 -8.12 11.87 5.18
C ASP A 513 -8.26 10.67 4.22
N ASP A 514 -8.75 10.94 3.01
CA ASP A 514 -8.88 9.89 2.02
C ASP A 514 -7.56 9.55 1.36
N VAL A 515 -6.70 10.54 1.17
CA VAL A 515 -5.39 10.29 0.57
C VAL A 515 -4.67 9.30 1.48
N LEU A 516 -4.84 9.47 2.79
CA LEU A 516 -4.20 8.59 3.78
C LEU A 516 -4.67 7.14 3.61
N HIS A 517 -5.95 6.94 3.29
CA HIS A 517 -6.50 5.59 3.13
C HIS A 517 -5.91 4.87 1.90
N TYR A 518 -5.69 5.62 0.82
CA TYR A 518 -5.16 5.05 -0.42
C TYR A 518 -3.69 5.37 -0.72
N LEU A 519 -3.01 6.02 0.22
CA LEU A 519 -1.63 6.43 -0.04
C LEU A 519 -0.70 5.28 -0.45
N LEU A 520 -0.71 4.18 0.29
CA LEU A 520 0.20 3.07 -0.04
C LEU A 520 -0.06 2.54 -1.46
N GLN A 521 -1.35 2.38 -1.79
CA GLN A 521 -1.77 1.92 -3.11
C GLN A 521 -1.31 2.87 -4.23
N LEU A 522 -1.47 4.17 -4.00
CA LEU A 522 -1.05 5.16 -4.99
C LEU A 522 0.45 5.09 -5.17
N VAL A 523 1.20 4.96 -4.06
CA VAL A 523 2.66 4.82 -4.17
C VAL A 523 3.01 3.58 -5.01
N GLN A 524 2.37 2.45 -4.72
CA GLN A 524 2.63 1.24 -5.48
C GLN A 524 2.34 1.47 -6.98
N ALA A 525 1.27 2.21 -7.27
CA ALA A 525 0.90 2.48 -8.66
C ALA A 525 1.96 3.23 -9.48
N VAL A 526 2.93 3.85 -8.82
CA VAL A 526 3.96 4.55 -9.56
C VAL A 526 4.77 3.53 -10.36
N LYS A 527 4.76 2.28 -9.91
CA LYS A 527 5.45 1.20 -10.63
C LYS A 527 4.86 0.94 -12.01
N PHE A 528 3.63 1.41 -12.24
CA PHE A 528 2.98 1.20 -13.52
C PHE A 528 3.25 2.40 -14.48
N GLU A 529 3.96 3.40 -14.00
CA GLU A 529 4.28 4.56 -14.81
C GLU A 529 5.47 4.30 -15.73
N PRO A 530 5.32 4.57 -17.03
CA PRO A 530 6.45 4.34 -17.93
C PRO A 530 7.65 5.28 -17.66
N TYR A 531 7.37 6.50 -17.21
CA TYR A 531 8.43 7.47 -16.92
C TYR A 531 8.56 7.85 -15.44
N HIS A 532 9.76 8.23 -15.00
CA HIS A 532 10.02 8.61 -13.61
C HIS A 532 9.23 9.85 -13.21
N ASP A 533 9.10 10.78 -14.13
CA ASP A 533 8.35 11.98 -13.85
C ASP A 533 6.99 11.78 -14.47
N SER A 534 5.96 11.86 -13.65
CA SER A 534 4.60 11.67 -14.12
C SER A 534 3.67 12.49 -13.26
N ALA A 535 2.43 12.60 -13.71
CA ALA A 535 1.45 13.36 -12.94
C ALA A 535 1.27 12.73 -11.55
N LEU A 536 1.13 11.40 -11.50
CA LEU A 536 0.97 10.65 -10.23
C LEU A 536 2.14 10.89 -9.26
N ALA A 537 3.37 10.79 -9.73
CA ALA A 537 4.50 11.01 -8.85
C ALA A 537 4.45 12.44 -8.29
N ARG A 538 4.07 13.40 -9.12
CA ARG A 538 3.97 14.79 -8.69
C ARG A 538 2.83 15.03 -7.75
N PHE A 539 1.79 14.23 -7.93
CA PHE A 539 0.61 14.34 -7.08
C PHE A 539 1.02 13.96 -5.64
N LEU A 540 1.68 12.80 -5.52
CA LEU A 540 2.14 12.29 -4.23
C LEU A 540 3.09 13.29 -3.58
N LEU A 541 4.00 13.85 -4.36
CA LEU A 541 4.98 14.82 -3.87
C LEU A 541 4.25 15.97 -3.22
N LYS A 542 3.30 16.53 -3.97
CA LYS A 542 2.48 17.64 -3.54
C LYS A 542 1.67 17.42 -2.27
N ARG A 543 0.93 16.32 -2.21
CA ARG A 543 0.10 16.07 -1.03
C ARG A 543 0.98 15.80 0.20
N GLY A 544 2.13 15.20 0.00
CA GLY A 544 3.01 14.94 1.12
C GLY A 544 3.56 16.24 1.66
N LEU A 545 3.95 17.15 0.77
CA LEU A 545 4.50 18.45 1.17
C LEU A 545 3.46 19.36 1.79
N ARG A 546 2.20 19.08 1.48
CA ARG A 546 1.09 19.89 1.96
C ARG A 546 0.56 19.48 3.33
N ASN A 547 0.85 18.26 3.76
CA ASN A 547 0.34 17.79 5.05
C ASN A 547 1.34 16.85 5.70
N LYS A 548 1.73 17.17 6.93
CA LYS A 548 2.71 16.37 7.66
C LYS A 548 2.34 14.90 7.82
N ARG A 549 1.10 14.57 8.07
CA ARG A 549 0.78 13.17 8.29
C ARG A 549 0.99 12.37 7.02
N ILE A 550 0.56 12.94 5.90
CA ILE A 550 0.75 12.29 4.62
C ILE A 550 2.23 12.23 4.29
N GLY A 551 2.92 13.32 4.59
CA GLY A 551 4.36 13.40 4.33
C GLY A 551 5.12 12.32 5.09
N HIS A 552 4.72 12.13 6.35
CA HIS A 552 5.35 11.13 7.22
C HIS A 552 5.21 9.72 6.65
N PHE A 553 3.98 9.33 6.30
CA PHE A 553 3.78 8.02 5.74
C PHE A 553 4.36 7.84 4.34
N LEU A 554 4.37 8.92 3.56
CA LEU A 554 4.93 8.88 2.23
C LEU A 554 6.41 8.53 2.36
N PHE A 555 7.06 9.23 3.29
CA PHE A 555 8.47 8.98 3.57
C PHE A 555 8.70 7.47 3.73
N TRP A 556 8.03 6.86 4.71
CA TRP A 556 8.24 5.43 4.97
C TRP A 556 7.86 4.46 3.88
N PHE A 557 6.79 4.78 3.16
CA PHE A 557 6.36 3.90 2.07
C PHE A 557 7.41 3.90 0.95
N LEU A 558 7.95 5.09 0.65
CA LEU A 558 8.97 5.19 -0.40
C LEU A 558 10.26 4.51 0.08
N ARG A 559 10.59 4.73 1.34
CA ARG A 559 11.80 4.15 1.91
C ARG A 559 11.79 2.61 1.94
N SER A 560 10.62 2.02 2.19
CA SER A 560 10.56 0.56 2.22
C SER A 560 10.77 -0.02 0.83
N GLU A 561 10.30 0.68 -0.20
CA GLU A 561 10.48 0.18 -1.58
C GLU A 561 11.92 0.38 -2.06
N ILE A 562 12.48 1.55 -1.75
CA ILE A 562 13.86 1.88 -2.13
C ILE A 562 14.82 0.84 -1.52
N ALA A 563 14.51 0.39 -0.31
CA ALA A 563 15.39 -0.58 0.36
C ALA A 563 15.19 -2.05 -0.04
N GLN A 564 14.01 -2.41 -0.50
CA GLN A 564 13.74 -3.81 -0.83
C GLN A 564 13.50 -4.10 -2.31
N SER A 565 13.32 -3.05 -3.10
CA SER A 565 13.07 -3.22 -4.52
C SER A 565 14.15 -2.62 -5.42
N ARG A 566 15.04 -3.43 -5.97
CA ARG A 566 16.05 -2.88 -6.85
C ARG A 566 15.43 -2.45 -8.19
N HIS A 567 14.28 -3.02 -8.52
CA HIS A 567 13.58 -2.68 -9.76
C HIS A 567 13.10 -1.23 -9.83
N TYR A 568 12.64 -0.68 -8.71
CA TYR A 568 12.17 0.69 -8.66
C TYR A 568 12.86 1.58 -7.62
N GLN A 569 13.91 1.11 -6.98
CA GLN A 569 14.52 1.97 -5.98
C GLN A 569 15.04 3.30 -6.53
N GLN A 570 15.54 3.31 -7.76
CA GLN A 570 16.06 4.55 -8.34
C GLN A 570 14.97 5.60 -8.53
N ARG A 571 13.84 5.19 -9.10
CA ARG A 571 12.74 6.14 -9.31
C ARG A 571 12.16 6.63 -7.99
N PHE A 572 11.94 5.69 -7.05
CA PHE A 572 11.40 6.06 -5.74
C PHE A 572 12.36 7.00 -4.96
N ALA A 573 13.65 6.78 -5.12
CA ALA A 573 14.64 7.62 -4.45
C ALA A 573 14.55 9.07 -4.93
N VAL A 574 14.39 9.27 -6.24
CA VAL A 574 14.27 10.64 -6.77
C VAL A 574 13.04 11.31 -6.16
N ILE A 575 11.93 10.60 -6.12
CA ILE A 575 10.72 11.17 -5.53
C ILE A 575 10.87 11.49 -4.02
N LEU A 576 11.52 10.60 -3.27
CA LEU A 576 11.69 10.86 -1.83
C LEU A 576 12.65 12.04 -1.58
N GLU A 577 13.69 12.17 -2.40
CA GLU A 577 14.65 13.29 -2.23
C GLU A 577 13.91 14.61 -2.41
N ALA A 578 13.06 14.65 -3.43
CA ALA A 578 12.26 15.85 -3.72
C ALA A 578 11.36 16.21 -2.55
N TYR A 579 10.82 15.20 -1.87
CA TYR A 579 9.97 15.45 -0.71
C TYR A 579 10.83 15.95 0.46
N LEU A 580 11.96 15.30 0.70
CA LEU A 580 12.82 15.67 1.82
C LEU A 580 13.41 17.08 1.74
N ARG A 581 13.58 17.61 0.53
CA ARG A 581 14.13 18.95 0.34
C ARG A 581 13.08 20.03 0.58
N GLY A 582 11.85 19.59 0.80
CA GLY A 582 10.78 20.54 1.05
C GLY A 582 9.91 20.25 2.26
N CYS A 583 10.23 19.20 3.04
CA CYS A 583 9.39 18.92 4.21
C CYS A 583 9.66 19.86 5.39
N GLY A 584 10.86 20.42 5.44
CA GLY A 584 11.17 21.34 6.51
C GLY A 584 12.19 20.82 7.50
N THR A 585 12.89 21.76 8.14
CA THR A 585 13.92 21.41 9.12
C THR A 585 13.39 20.49 10.21
N ALA A 586 12.28 20.85 10.83
CA ALA A 586 11.70 20.06 11.90
C ALA A 586 11.43 18.60 11.49
N MET A 587 10.80 18.39 10.34
CA MET A 587 10.52 17.01 9.92
C MET A 587 11.81 16.26 9.58
N LEU A 588 12.76 16.98 8.98
CA LEU A 588 14.05 16.40 8.61
C LEU A 588 14.74 15.86 9.88
N HIS A 589 14.59 16.59 10.97
CA HIS A 589 15.17 16.21 12.24
C HIS A 589 14.45 14.97 12.81
N ASP A 590 13.13 14.94 12.67
CA ASP A 590 12.36 13.81 13.17
C ASP A 590 12.72 12.52 12.43
N PHE A 591 12.80 12.62 11.10
CA PHE A 591 13.15 11.47 10.28
C PHE A 591 14.52 10.95 10.66
N THR A 592 15.46 11.87 10.93
CA THR A 592 16.82 11.50 11.30
C THR A 592 16.85 10.68 12.59
N GLN A 593 16.07 11.09 13.58
CA GLN A 593 16.02 10.39 14.86
C GLN A 593 15.41 9.00 14.68
N GLN A 594 14.31 8.95 13.94
CA GLN A 594 13.66 7.68 13.67
C GLN A 594 14.61 6.74 12.94
N VAL A 595 15.30 7.26 11.94
CA VAL A 595 16.22 6.42 11.20
C VAL A 595 17.38 5.97 12.09
N GLN A 596 17.86 6.86 12.96
CA GLN A 596 18.95 6.50 13.87
C GLN A 596 18.57 5.29 14.73
N VAL A 597 17.41 5.36 15.38
CA VAL A 597 16.95 4.27 16.22
C VAL A 597 16.88 2.95 15.42
N ILE A 598 16.32 3.01 14.23
CA ILE A 598 16.23 1.81 13.39
C ILE A 598 17.60 1.27 13.00
N ASP A 599 18.54 2.15 12.63
CA ASP A 599 19.88 1.69 12.27
C ASP A 599 20.56 1.05 13.49
N MET A 600 20.43 1.70 14.65
CA MET A 600 21.03 1.17 15.86
C MET A 600 20.41 -0.18 16.23
N LEU A 601 19.09 -0.26 16.17
CA LEU A 601 18.41 -1.50 16.51
C LEU A 601 18.76 -2.61 15.53
N GLN A 602 18.94 -2.25 14.27
CA GLN A 602 19.27 -3.26 13.28
C GLN A 602 20.66 -3.82 13.55
N LYS A 603 21.64 -2.95 13.77
CA LYS A 603 23.00 -3.42 14.01
C LYS A 603 23.04 -4.37 15.21
N VAL A 604 22.15 -4.13 16.16
CA VAL A 604 22.03 -4.97 17.36
C VAL A 604 21.62 -6.38 16.94
N THR A 605 20.65 -6.46 16.03
CA THR A 605 20.18 -7.75 15.56
C THR A 605 21.25 -8.43 14.70
N ILE A 606 22.18 -7.62 14.20
CA ILE A 606 23.26 -8.14 13.38
C ILE A 606 24.45 -8.54 14.25
N ASP A 607 24.64 -7.84 15.36
CA ASP A 607 25.75 -8.12 16.28
C ASP A 607 25.51 -9.39 17.08
N ILE A 608 24.24 -9.69 17.32
CA ILE A 608 23.86 -10.88 18.05
C ILE A 608 23.57 -11.94 16.99
N LYS A 609 24.64 -12.60 16.55
CA LYS A 609 24.58 -13.62 15.51
C LYS A 609 23.54 -14.73 15.63
N SER A 610 23.21 -15.11 16.86
CA SER A 610 22.23 -16.19 17.03
C SER A 610 20.81 -15.74 16.70
N LEU A 611 20.59 -14.44 16.54
CA LEU A 611 19.25 -13.93 16.23
C LEU A 611 18.80 -14.38 14.84
N SER A 612 19.75 -14.70 13.98
CA SER A 612 19.44 -15.14 12.62
C SER A 612 19.40 -16.67 12.48
N ALA A 613 19.54 -17.36 13.60
CA ALA A 613 19.52 -18.82 13.62
C ALA A 613 18.21 -19.38 14.16
N GLU A 614 17.32 -19.80 13.25
CA GLU A 614 16.02 -20.33 13.61
C GLU A 614 16.05 -21.74 14.18
N LYS A 615 17.16 -22.44 13.96
CA LYS A 615 17.31 -23.81 14.43
C LYS A 615 17.18 -24.03 15.95
N TYR A 616 17.83 -23.19 16.75
CA TYR A 616 17.77 -23.35 18.19
C TYR A 616 17.07 -22.23 18.94
N ASP A 617 16.49 -22.57 20.09
CA ASP A 617 15.76 -21.61 20.92
C ASP A 617 16.60 -20.50 21.54
N VAL A 618 15.90 -19.50 22.06
CA VAL A 618 16.52 -18.35 22.70
C VAL A 618 16.88 -18.63 24.15
N SER A 619 18.17 -18.55 24.45
CA SER A 619 18.67 -18.81 25.80
C SER A 619 18.60 -17.57 26.68
N SER A 620 18.91 -17.74 27.96
CA SER A 620 18.88 -16.64 28.90
C SER A 620 20.10 -15.74 28.70
N GLN A 621 21.18 -16.32 28.19
CA GLN A 621 22.40 -15.56 27.96
C GLN A 621 22.23 -14.53 26.83
N VAL A 622 21.57 -14.93 25.75
CA VAL A 622 21.36 -14.03 24.62
C VAL A 622 20.47 -12.85 25.03
N ILE A 623 19.41 -13.13 25.78
CA ILE A 623 18.51 -12.07 26.22
C ILE A 623 19.31 -11.10 27.09
N SER A 624 20.10 -11.65 28.00
CA SER A 624 20.91 -10.83 28.90
C SER A 624 21.86 -9.99 28.03
N GLN A 625 22.32 -10.57 26.93
CA GLN A 625 23.21 -9.87 26.02
C GLN A 625 22.45 -8.75 25.32
N LEU A 626 21.16 -8.98 25.07
CA LEU A 626 20.32 -7.99 24.42
C LEU A 626 20.16 -6.79 25.36
N LYS A 627 19.77 -7.06 26.61
CA LYS A 627 19.59 -6.01 27.60
C LYS A 627 20.85 -5.15 27.75
N GLN A 628 22.00 -5.82 27.74
CA GLN A 628 23.27 -5.13 27.88
C GLN A 628 23.56 -4.19 26.72
N LYS A 629 23.45 -4.69 25.49
CA LYS A 629 23.69 -3.83 24.34
C LYS A 629 22.73 -2.66 24.31
N LEU A 630 21.48 -2.90 24.72
CA LEU A 630 20.50 -1.83 24.74
C LEU A 630 20.92 -0.80 25.79
N GLU A 631 21.60 -1.26 26.84
CA GLU A 631 22.05 -0.37 27.91
C GLU A 631 23.12 0.58 27.39
N ASN A 632 24.11 0.03 26.70
CA ASN A 632 25.19 0.86 26.16
C ASN A 632 24.66 1.95 25.26
N LEU A 633 23.83 1.57 24.30
CA LEU A 633 23.25 2.51 23.36
C LEU A 633 22.52 3.64 24.08
N GLN A 634 21.65 3.26 25.01
CA GLN A 634 20.85 4.20 25.76
C GLN A 634 21.66 5.22 26.57
N ASN A 635 22.82 4.79 27.07
CA ASN A 635 23.67 5.69 27.85
C ASN A 635 23.75 7.07 27.21
N LEU A 636 24.45 7.15 26.09
CA LEU A 636 24.61 8.42 25.39
C LEU A 636 24.92 8.17 23.92
N ASN A 637 23.89 7.87 23.13
CA ASN A 637 24.06 7.61 21.71
C ASN A 637 22.71 7.47 21.01
N LEU A 638 21.78 6.78 21.66
CA LEU A 638 20.44 6.58 21.12
C LEU A 638 19.56 7.81 21.38
N PRO A 639 18.85 8.28 20.36
CA PRO A 639 17.98 9.45 20.52
C PRO A 639 17.08 9.30 21.75
N GLN A 640 17.03 10.31 22.60
CA GLN A 640 16.24 10.27 23.82
C GLN A 640 14.74 10.25 23.55
N SER A 641 14.37 10.45 22.28
CA SER A 641 12.96 10.42 21.88
C SER A 641 12.83 10.43 20.36
N PHE A 642 11.80 9.74 19.86
CA PHE A 642 11.55 9.68 18.43
C PHE A 642 10.08 9.38 18.18
N ARG A 643 9.59 9.77 17.01
CA ARG A 643 8.20 9.50 16.68
C ARG A 643 8.01 8.05 16.25
N VAL A 644 6.92 7.43 16.67
CA VAL A 644 6.71 6.04 16.31
C VAL A 644 6.32 6.00 14.83
N PRO A 645 7.13 5.32 14.00
CA PRO A 645 6.89 5.22 12.56
C PRO A 645 5.45 4.97 12.15
N TYR A 646 4.77 4.04 12.79
CA TYR A 646 3.39 3.74 12.45
C TYR A 646 2.34 4.56 13.20
N ASP A 647 2.81 5.44 14.08
CA ASP A 647 1.92 6.30 14.89
C ASP A 647 2.71 7.59 15.16
N PRO A 648 2.94 8.40 14.12
CA PRO A 648 3.67 9.68 14.16
C PRO A 648 3.30 10.63 15.28
N GLY A 649 2.03 10.64 15.66
CA GLY A 649 1.61 11.52 16.73
C GLY A 649 2.16 11.13 18.08
N LEU A 650 2.62 9.89 18.22
CA LEU A 650 3.16 9.38 19.48
C LEU A 650 4.70 9.47 19.53
N LYS A 651 5.22 10.03 20.61
CA LYS A 651 6.67 10.18 20.79
C LYS A 651 7.20 9.18 21.81
N ALA A 652 8.04 8.25 21.37
CA ALA A 652 8.64 7.25 22.26
C ALA A 652 9.86 7.86 22.93
N GLY A 653 10.07 7.53 24.21
CA GLY A 653 11.22 8.06 24.93
C GLY A 653 12.29 7.02 25.19
N ALA A 654 12.67 6.84 26.44
CA ALA A 654 13.69 5.87 26.80
C ALA A 654 13.16 4.44 26.84
N LEU A 655 14.06 3.50 26.59
CA LEU A 655 13.72 2.08 26.61
C LEU A 655 13.57 1.59 28.04
N VAL A 656 12.66 0.64 28.25
CA VAL A 656 12.45 0.04 29.54
C VAL A 656 13.16 -1.30 29.43
N ILE A 657 14.49 -1.25 29.52
CA ILE A 657 15.33 -2.42 29.39
C ILE A 657 14.86 -3.66 30.14
N GLU A 658 14.24 -3.46 31.29
CA GLU A 658 13.75 -4.58 32.10
C GLU A 658 12.70 -5.39 31.36
N LYS A 659 11.76 -4.71 30.71
CA LYS A 659 10.70 -5.39 29.98
C LYS A 659 11.08 -5.78 28.56
N CYS A 660 12.29 -5.42 28.13
CA CYS A 660 12.75 -5.77 26.79
C CYS A 660 13.24 -7.21 26.77
N LYS A 661 13.22 -7.83 25.59
CA LYS A 661 13.65 -9.22 25.48
C LYS A 661 13.65 -9.71 24.04
N VAL A 662 14.05 -10.97 23.85
CA VAL A 662 14.04 -11.60 22.55
C VAL A 662 12.91 -12.60 22.59
N MET A 663 11.98 -12.47 21.65
CA MET A 663 10.82 -13.34 21.56
C MET A 663 11.18 -14.81 21.35
N ALA A 664 10.36 -15.70 21.93
CA ALA A 664 10.58 -17.14 21.80
C ALA A 664 10.05 -17.63 20.47
N SER A 665 10.07 -16.75 19.47
CA SER A 665 9.60 -17.04 18.13
C SER A 665 10.75 -17.57 17.28
N LYS A 666 10.42 -18.33 16.24
CA LYS A 666 11.43 -18.89 15.34
C LYS A 666 12.27 -17.80 14.72
N LYS A 667 11.63 -16.67 14.45
CA LYS A 667 12.31 -15.54 13.82
C LYS A 667 13.00 -14.64 14.85
N LYS A 668 12.81 -14.96 16.12
CA LYS A 668 13.44 -14.22 17.21
C LYS A 668 13.33 -12.69 17.10
N PRO A 669 12.09 -12.16 17.01
CA PRO A 669 11.88 -10.70 16.90
C PRO A 669 12.17 -10.00 18.23
N LEU A 670 12.67 -8.77 18.20
CA LEU A 670 12.92 -8.05 19.45
C LEU A 670 11.63 -7.47 19.99
N TRP A 671 11.35 -7.75 21.26
CA TRP A 671 10.17 -7.24 21.93
C TRP A 671 10.74 -6.12 22.77
N LEU A 672 10.38 -4.89 22.38
CA LEU A 672 10.88 -3.70 23.05
C LEU A 672 9.75 -2.88 23.64
N GLU A 673 10.03 -2.22 24.75
CA GLU A 673 9.04 -1.38 25.40
C GLU A 673 9.70 -0.05 25.74
N PHE A 674 9.02 1.04 25.41
CA PHE A 674 9.53 2.38 25.67
C PHE A 674 8.56 3.17 26.54
N LYS A 675 9.05 4.27 27.09
CA LYS A 675 8.22 5.16 27.89
C LYS A 675 7.75 6.27 26.95
N CYS A 676 6.62 6.90 27.26
CA CYS A 676 6.19 7.99 26.40
C CYS A 676 7.03 9.20 26.73
N ALA A 677 7.58 9.83 25.70
CA ALA A 677 8.42 11.01 25.88
C ALA A 677 7.61 12.25 26.28
N ASP A 678 6.30 12.19 26.10
CA ASP A 678 5.44 13.31 26.44
C ASP A 678 4.98 13.24 27.90
N PRO A 679 5.37 14.22 28.72
CA PRO A 679 5.00 14.26 30.14
C PRO A 679 3.51 14.52 30.39
N THR A 680 2.83 15.12 29.41
CA THR A 680 1.40 15.42 29.53
C THR A 680 0.54 14.17 29.32
N ALA A 681 1.19 13.06 29.02
CA ALA A 681 0.49 11.80 28.79
C ALA A 681 -0.28 11.43 30.05
N LEU A 682 -1.56 11.12 29.90
CA LEU A 682 -2.39 10.75 31.04
C LEU A 682 -2.31 9.27 31.38
N SER A 683 -1.12 8.69 31.32
CA SER A 683 -0.92 7.29 31.64
C SER A 683 0.55 6.92 31.70
N ASN A 684 0.85 5.82 32.39
CA ASN A 684 2.22 5.36 32.51
C ASN A 684 2.49 4.12 31.68
N GLU A 685 1.48 3.64 30.96
CA GLU A 685 1.67 2.46 30.13
C GLU A 685 2.79 2.71 29.13
N THR A 686 3.55 1.67 28.84
CA THR A 686 4.66 1.77 27.91
C THR A 686 4.18 1.66 26.48
N ILE A 687 5.09 1.94 25.56
CA ILE A 687 4.84 1.83 24.14
C ILE A 687 5.54 0.53 23.73
N GLY A 688 4.76 -0.49 23.40
CA GLY A 688 5.32 -1.77 23.01
C GLY A 688 5.56 -1.85 21.52
N ILE A 689 6.81 -2.06 21.14
CA ILE A 689 7.17 -2.15 19.73
C ILE A 689 8.03 -3.36 19.43
N ILE A 690 7.65 -4.11 18.40
CA ILE A 690 8.40 -5.28 17.97
C ILE A 690 9.34 -4.84 16.85
N PHE A 691 10.64 -5.14 16.97
CA PHE A 691 11.59 -4.80 15.91
C PHE A 691 11.83 -6.13 15.21
N LYS A 692 11.22 -6.29 14.05
CA LYS A 692 11.33 -7.53 13.28
C LYS A 692 12.47 -7.46 12.28
N HIS A 693 13.26 -8.51 12.21
CA HIS A 693 14.38 -8.50 11.28
C HIS A 693 14.38 -9.81 10.50
N GLY A 694 14.98 -9.76 9.32
CA GLY A 694 15.05 -10.94 8.48
C GLY A 694 13.74 -11.26 7.76
N ASP A 695 12.83 -10.30 7.66
CA ASP A 695 11.55 -10.54 6.99
C ASP A 695 11.04 -9.29 6.29
N ASP A 696 10.63 -9.45 5.02
CA ASP A 696 10.10 -8.34 4.25
C ASP A 696 8.65 -8.20 4.71
N LEU A 697 8.34 -7.08 5.35
CA LEU A 697 7.00 -6.82 5.87
C LEU A 697 6.11 -6.04 4.90
N ARG A 698 6.49 -5.97 3.64
CA ARG A 698 5.69 -5.22 2.68
C ARG A 698 4.31 -5.81 2.41
N GLN A 699 4.19 -7.13 2.46
CA GLN A 699 2.90 -7.76 2.24
C GLN A 699 2.00 -7.51 3.43
N ASP A 700 2.55 -7.58 4.65
CA ASP A 700 1.73 -7.34 5.83
C ASP A 700 1.16 -5.91 5.76
N MET A 701 1.99 -4.94 5.39
CA MET A 701 1.57 -3.54 5.26
C MET A 701 0.44 -3.39 4.27
N LEU A 702 0.53 -4.11 3.17
CA LEU A 702 -0.50 -4.06 2.13
C LEU A 702 -1.80 -4.64 2.66
N ILE A 703 -1.71 -5.81 3.30
CA ILE A 703 -2.90 -6.48 3.85
C ILE A 703 -3.58 -5.62 4.90
N LEU A 704 -2.79 -5.09 5.84
CA LEU A 704 -3.32 -4.22 6.89
C LEU A 704 -4.02 -2.99 6.30
N GLN A 705 -3.44 -2.40 5.26
CA GLN A 705 -3.99 -1.20 4.64
C GLN A 705 -5.29 -1.52 3.92
N ILE A 706 -5.35 -2.66 3.24
CA ILE A 706 -6.58 -3.04 2.55
C ILE A 706 -7.66 -3.21 3.63
N LEU A 707 -7.25 -3.68 4.81
CA LEU A 707 -8.20 -3.84 5.92
C LEU A 707 -8.71 -2.48 6.39
N ARG A 708 -7.81 -1.48 6.44
CA ARG A 708 -8.24 -0.15 6.84
C ARG A 708 -9.19 0.37 5.77
N ILE A 709 -8.92 0.02 4.51
CA ILE A 709 -9.81 0.46 3.42
C ILE A 709 -11.18 -0.19 3.62
N MET A 710 -11.19 -1.46 4.00
CA MET A 710 -12.48 -2.12 4.24
C MET A 710 -13.24 -1.39 5.35
N GLU A 711 -12.53 -0.92 6.38
CA GLU A 711 -13.17 -0.19 7.47
C GLU A 711 -13.85 1.08 6.98
N SER A 712 -13.17 1.80 6.09
CA SER A 712 -13.71 3.05 5.58
C SER A 712 -14.89 2.75 4.67
N ILE A 713 -14.79 1.63 3.94
CA ILE A 713 -15.86 1.21 3.05
C ILE A 713 -17.08 0.87 3.90
N TRP A 714 -16.86 0.18 5.00
CA TRP A 714 -17.98 -0.17 5.86
C TRP A 714 -18.55 1.07 6.53
N GLU A 715 -17.71 2.08 6.73
CA GLU A 715 -18.15 3.31 7.36
C GLU A 715 -19.17 4.03 6.47
N THR A 716 -18.90 4.07 5.17
CA THR A 716 -19.81 4.74 4.25
C THR A 716 -21.13 3.98 4.22
N GLU A 717 -21.06 2.68 4.42
CA GLU A 717 -22.24 1.84 4.44
C GLU A 717 -22.75 1.79 5.88
N SER A 718 -22.23 2.67 6.71
CA SER A 718 -22.62 2.74 8.11
C SER A 718 -22.53 1.41 8.84
N LEU A 719 -21.31 0.91 9.02
CA LEU A 719 -21.08 -0.36 9.71
C LEU A 719 -19.73 -0.37 10.40
N ASP A 720 -19.69 -0.96 11.58
CA ASP A 720 -18.46 -1.05 12.36
C ASP A 720 -18.14 -2.52 12.62
N LEU A 721 -17.14 -3.05 11.91
CA LEU A 721 -16.79 -4.46 12.09
C LEU A 721 -15.71 -4.70 13.14
N CYS A 722 -15.31 -3.64 13.83
CA CYS A 722 -14.30 -3.72 14.89
C CYS A 722 -12.96 -4.37 14.53
N LEU A 723 -12.50 -4.18 13.30
CA LEU A 723 -11.22 -4.76 12.89
C LEU A 723 -10.13 -4.11 13.72
N LEU A 724 -8.94 -4.68 13.71
CA LEU A 724 -7.84 -4.09 14.47
C LEU A 724 -6.56 -4.12 13.64
N PRO A 725 -6.45 -3.23 12.65
CA PRO A 725 -5.28 -3.14 11.76
C PRO A 725 -4.19 -2.46 12.57
N TYR A 726 -3.48 -3.24 13.35
CA TYR A 726 -2.43 -2.70 14.20
C TYR A 726 -1.32 -2.08 13.35
N GLY A 727 -0.51 -1.24 13.99
CA GLY A 727 0.59 -0.58 13.29
C GLY A 727 1.63 -1.57 12.81
N CYS A 728 2.05 -1.40 11.55
CA CYS A 728 3.03 -2.28 10.95
C CYS A 728 3.72 -1.55 9.80
N ILE A 729 4.99 -1.23 9.95
CA ILE A 729 5.69 -0.52 8.88
C ILE A 729 7.07 -1.06 8.57
N SER A 730 7.31 -1.32 7.29
CA SER A 730 8.61 -1.80 6.85
C SER A 730 9.50 -0.55 7.01
N THR A 731 10.67 -0.69 7.62
CA THR A 731 11.52 0.48 7.82
C THR A 731 12.85 0.39 7.10
N GLY A 732 13.08 -0.72 6.41
CA GLY A 732 14.32 -0.91 5.68
C GLY A 732 14.40 -2.31 5.10
N ASP A 733 15.60 -2.72 4.69
CA ASP A 733 15.80 -4.04 4.09
C ASP A 733 15.50 -5.19 5.04
N LYS A 734 14.34 -5.81 4.86
CA LYS A 734 13.92 -6.93 5.69
C LYS A 734 13.89 -6.58 7.17
N ILE A 735 13.55 -5.33 7.49
CA ILE A 735 13.42 -4.93 8.88
C ILE A 735 12.20 -4.05 9.03
N GLY A 736 11.63 -4.02 10.23
CA GLY A 736 10.44 -3.20 10.43
C GLY A 736 9.98 -3.20 11.87
N MET A 737 9.01 -2.34 12.15
CA MET A 737 8.44 -2.20 13.49
C MET A 737 6.96 -2.57 13.47
N ILE A 738 6.55 -3.35 14.46
CA ILE A 738 5.16 -3.77 14.58
C ILE A 738 4.61 -3.40 15.94
N GLU A 739 3.41 -2.84 15.94
CA GLU A 739 2.74 -2.44 17.16
C GLU A 739 2.39 -3.64 18.05
N ILE A 740 2.67 -3.53 19.35
CA ILE A 740 2.33 -4.61 20.27
C ILE A 740 0.96 -4.28 20.82
N VAL A 741 -0.04 -5.10 20.51
CA VAL A 741 -1.39 -4.86 21.01
C VAL A 741 -1.37 -5.24 22.50
N LYS A 742 -1.89 -4.36 23.35
CA LYS A 742 -1.94 -4.59 24.79
C LYS A 742 -3.03 -5.58 25.19
N ASP A 743 -2.82 -6.25 26.33
CA ASP A 743 -3.77 -7.22 26.87
C ASP A 743 -4.33 -8.18 25.80
N ALA A 744 -3.45 -8.88 25.08
CA ALA A 744 -3.88 -9.81 24.04
C ALA A 744 -3.03 -11.06 23.99
N THR A 745 -3.60 -12.15 23.51
CA THR A 745 -2.84 -13.39 23.40
C THR A 745 -3.35 -14.16 22.19
N THR A 746 -2.61 -15.19 21.82
CA THR A 746 -2.95 -16.02 20.67
C THR A 746 -4.01 -17.04 21.05
N ILE A 747 -4.86 -17.38 20.09
CA ILE A 747 -5.91 -18.36 20.33
C ILE A 747 -5.26 -19.71 20.64
N ALA A 748 -4.21 -20.07 19.90
CA ALA A 748 -3.52 -21.33 20.13
C ALA A 748 -2.95 -21.36 21.55
N LYS A 749 -2.47 -20.21 22.01
CA LYS A 749 -1.90 -20.09 23.35
C LYS A 749 -2.96 -20.42 24.40
N ILE A 750 -4.12 -19.81 24.27
CA ILE A 750 -5.22 -20.05 25.19
C ILE A 750 -5.52 -21.54 25.25
N GLN A 751 -5.47 -22.21 24.11
CA GLN A 751 -5.72 -23.64 24.05
C GLN A 751 -4.61 -24.40 24.78
N GLN A 752 -3.36 -24.07 24.47
CA GLN A 752 -2.20 -24.74 25.07
C GLN A 752 -2.17 -24.70 26.60
N SER A 753 -2.72 -23.64 27.20
CA SER A 753 -2.72 -23.52 28.65
C SER A 753 -3.54 -24.63 29.31
N THR A 754 -4.68 -24.95 28.71
CA THR A 754 -5.55 -25.99 29.24
C THR A 754 -5.07 -27.36 28.77
N VAL A 755 -5.03 -27.55 27.45
CA VAL A 755 -4.57 -28.80 26.90
C VAL A 755 -3.04 -28.85 26.94
N GLY A 756 -2.41 -28.40 25.87
CA GLY A 756 -0.95 -28.41 25.83
C GLY A 756 -0.38 -28.43 24.42
N ASN A 757 0.72 -29.15 24.26
CA ASN A 757 1.37 -29.26 22.95
C ASN A 757 0.77 -30.42 22.16
N THR A 758 -0.56 -30.53 22.19
CA THR A 758 -1.26 -31.58 21.49
C THR A 758 -2.47 -31.00 20.73
N GLY A 759 -2.99 -31.75 19.79
CA GLY A 759 -4.12 -31.26 19.01
C GLY A 759 -5.52 -31.57 19.52
N ALA A 760 -5.65 -32.02 20.77
CA ALA A 760 -6.96 -32.33 21.32
C ALA A 760 -7.62 -31.05 21.87
N PHE A 761 -7.93 -30.14 20.96
CA PHE A 761 -8.54 -28.86 21.30
C PHE A 761 -9.90 -28.94 21.98
N LYS A 762 -10.07 -28.12 23.02
CA LYS A 762 -11.32 -28.05 23.77
C LYS A 762 -12.18 -26.91 23.24
N ASP A 763 -13.50 -27.05 23.33
CA ASP A 763 -14.39 -26.03 22.81
C ASP A 763 -14.73 -24.90 23.77
N GLU A 764 -14.57 -25.13 25.07
CA GLU A 764 -14.91 -24.12 26.06
C GLU A 764 -13.78 -23.27 26.60
N VAL A 765 -12.54 -23.55 26.17
CA VAL A 765 -11.38 -22.80 26.66
C VAL A 765 -11.49 -21.30 26.42
N LEU A 766 -11.83 -20.90 25.19
CA LEU A 766 -11.94 -19.49 24.84
C LEU A 766 -12.96 -18.76 25.71
N SER A 767 -14.19 -19.27 25.74
CA SER A 767 -15.24 -18.64 26.54
C SER A 767 -14.78 -18.49 28.00
N HIS A 768 -14.16 -19.53 28.55
CA HIS A 768 -13.67 -19.49 29.94
C HIS A 768 -12.65 -18.37 30.11
N TRP A 769 -11.72 -18.32 29.17
CA TRP A 769 -10.69 -17.28 29.20
C TRP A 769 -11.34 -15.90 29.21
N LEU A 770 -12.26 -15.65 28.29
CA LEU A 770 -12.94 -14.36 28.21
C LEU A 770 -13.67 -13.98 29.48
N LYS A 771 -14.48 -14.91 30.00
CA LYS A 771 -15.25 -14.64 31.22
C LYS A 771 -14.32 -14.32 32.38
N GLU A 772 -13.27 -15.11 32.53
CA GLU A 772 -12.32 -14.88 33.61
C GLU A 772 -11.75 -13.47 33.49
N LYS A 773 -11.61 -12.98 32.26
CA LYS A 773 -11.09 -11.65 32.03
C LYS A 773 -12.18 -10.59 32.23
N CYS A 774 -13.43 -11.01 32.20
CA CYS A 774 -14.55 -10.11 32.37
C CYS A 774 -15.52 -10.65 33.41
N PRO A 775 -15.15 -10.58 34.70
CA PRO A 775 -15.99 -11.07 35.80
C PRO A 775 -17.30 -10.28 35.99
N ILE A 776 -17.37 -9.10 35.38
CA ILE A 776 -18.56 -8.27 35.49
C ILE A 776 -19.55 -8.51 34.34
N GLU A 777 -20.78 -8.86 34.70
CA GLU A 777 -21.86 -9.14 33.75
C GLU A 777 -21.81 -8.22 32.51
N GLU A 778 -22.05 -6.94 32.74
CA GLU A 778 -22.04 -5.94 31.68
C GLU A 778 -20.78 -6.01 30.80
N LYS A 779 -19.63 -6.19 31.43
CA LYS A 779 -18.37 -6.27 30.71
C LYS A 779 -18.28 -7.48 29.78
N PHE A 780 -18.66 -8.66 30.28
CA PHE A 780 -18.60 -9.89 29.49
C PHE A 780 -19.46 -9.79 28.23
N GLN A 781 -20.71 -9.32 28.38
CA GLN A 781 -21.59 -9.20 27.22
C GLN A 781 -21.05 -8.18 26.22
N ALA A 782 -20.35 -7.17 26.73
CA ALA A 782 -19.76 -6.14 25.88
C ALA A 782 -18.65 -6.77 25.05
N ALA A 783 -17.87 -7.64 25.70
CA ALA A 783 -16.78 -8.33 25.03
C ALA A 783 -17.29 -9.34 24.01
N VAL A 784 -18.35 -10.07 24.37
CA VAL A 784 -18.90 -11.06 23.47
C VAL A 784 -19.44 -10.40 22.21
N GLU A 785 -20.11 -9.27 22.39
CA GLU A 785 -20.67 -8.55 21.26
C GLU A 785 -19.51 -8.10 20.33
N ARG A 786 -18.41 -7.69 20.97
CA ARG A 786 -17.21 -7.24 20.27
C ARG A 786 -16.63 -8.42 19.50
N PHE A 787 -16.63 -9.58 20.15
CA PHE A 787 -16.11 -10.78 19.54
C PHE A 787 -17.00 -11.08 18.34
N VAL A 788 -18.30 -10.97 18.53
CA VAL A 788 -19.23 -11.24 17.45
C VAL A 788 -18.92 -10.36 16.23
N TYR A 789 -18.72 -9.06 16.46
CA TYR A 789 -18.41 -8.17 15.34
C TYR A 789 -17.03 -8.44 14.74
N SER A 790 -16.00 -8.39 15.57
CA SER A 790 -14.64 -8.60 15.08
C SER A 790 -14.51 -9.95 14.36
N CYS A 791 -15.06 -11.01 14.93
CA CYS A 791 -15.01 -12.33 14.28
C CYS A 791 -15.67 -12.25 12.90
N ALA A 792 -16.80 -11.57 12.81
CA ALA A 792 -17.48 -11.45 11.52
C ALA A 792 -16.66 -10.61 10.55
N GLY A 793 -16.14 -9.50 11.03
CA GLY A 793 -15.34 -8.64 10.18
C GLY A 793 -14.17 -9.42 9.59
N TYR A 794 -13.42 -10.12 10.43
CA TYR A 794 -12.29 -10.87 9.90
C TYR A 794 -12.70 -12.02 9.00
N CYS A 795 -13.79 -12.72 9.34
CA CYS A 795 -14.25 -13.81 8.47
C CYS A 795 -14.55 -13.28 7.08
N VAL A 796 -15.27 -12.17 6.99
CA VAL A 796 -15.61 -11.60 5.70
C VAL A 796 -14.35 -11.10 4.99
N ALA A 797 -13.62 -10.23 5.68
CA ALA A 797 -12.40 -9.64 5.14
C ALA A 797 -11.44 -10.71 4.63
N THR A 798 -11.04 -11.63 5.51
CA THR A 798 -10.09 -12.65 5.09
C THR A 798 -10.62 -13.53 3.95
N PHE A 799 -11.94 -13.73 3.88
CA PHE A 799 -12.54 -14.56 2.83
C PHE A 799 -12.44 -13.87 1.47
N VAL A 800 -12.80 -12.58 1.44
CA VAL A 800 -12.73 -11.84 0.21
C VAL A 800 -11.31 -11.82 -0.34
N LEU A 801 -10.33 -11.75 0.56
CA LEU A 801 -8.91 -11.72 0.16
C LEU A 801 -8.31 -13.09 -0.12
N GLY A 802 -9.07 -14.15 0.15
CA GLY A 802 -8.57 -15.50 -0.11
C GLY A 802 -7.45 -15.96 0.81
N ILE A 803 -7.45 -15.49 2.05
CA ILE A 803 -6.42 -15.89 3.01
C ILE A 803 -7.05 -16.33 4.32
N GLY A 804 -8.26 -16.88 4.25
CA GLY A 804 -8.96 -17.31 5.45
C GLY A 804 -8.49 -18.59 6.16
N ASP A 805 -8.02 -19.57 5.40
CA ASP A 805 -7.58 -20.85 5.96
C ASP A 805 -6.24 -20.66 6.64
N ARG A 806 -6.26 -20.33 7.92
CA ARG A 806 -5.02 -20.09 8.64
C ARG A 806 -4.94 -20.86 9.96
N HIS A 807 -3.70 -21.06 10.42
CA HIS A 807 -3.47 -21.76 11.65
C HIS A 807 -3.82 -20.88 12.84
N ASN A 808 -4.32 -21.54 13.87
CA ASN A 808 -4.74 -20.97 15.13
C ASN A 808 -3.77 -19.97 15.77
N ASP A 809 -2.47 -20.13 15.55
CA ASP A 809 -1.50 -19.24 16.15
C ASP A 809 -1.40 -17.89 15.43
N ASN A 810 -2.13 -17.74 14.33
CA ASN A 810 -2.08 -16.48 13.61
C ASN A 810 -3.29 -15.60 13.90
N ILE A 811 -4.01 -15.97 14.95
CA ILE A 811 -5.18 -15.21 15.35
C ILE A 811 -5.03 -14.85 16.82
N MET A 812 -5.24 -13.57 17.14
CA MET A 812 -5.15 -13.12 18.51
C MET A 812 -6.50 -12.63 19.01
N ILE A 813 -6.57 -12.43 20.32
CA ILE A 813 -7.79 -11.95 20.96
C ILE A 813 -7.36 -11.13 22.19
N SER A 814 -8.06 -10.01 22.42
CA SER A 814 -7.74 -9.16 23.55
C SER A 814 -8.72 -9.44 24.70
N GLU A 815 -8.38 -8.95 25.88
CA GLU A 815 -9.20 -9.11 27.07
C GLU A 815 -10.53 -8.36 26.95
N THR A 816 -10.68 -7.58 25.88
CA THR A 816 -11.92 -6.85 25.69
C THR A 816 -12.77 -7.57 24.68
N GLY A 817 -12.27 -8.74 24.24
CA GLY A 817 -13.00 -9.54 23.29
C GLY A 817 -12.73 -9.25 21.83
N ASN A 818 -11.78 -8.37 21.54
CA ASN A 818 -11.50 -8.05 20.14
C ASN A 818 -10.67 -9.15 19.47
N LEU A 819 -11.21 -9.75 18.42
CA LEU A 819 -10.48 -10.80 17.70
C LEU A 819 -9.78 -10.15 16.50
N PHE A 820 -8.55 -10.56 16.21
CA PHE A 820 -7.85 -9.98 15.08
C PHE A 820 -6.75 -10.87 14.56
N HIS A 821 -6.63 -10.94 13.23
CA HIS A 821 -5.59 -11.76 12.63
C HIS A 821 -4.27 -11.00 12.65
N ILE A 822 -3.16 -11.74 12.65
CA ILE A 822 -1.83 -11.13 12.66
C ILE A 822 -0.86 -11.91 11.80
N ASP A 823 0.39 -11.46 11.83
CA ASP A 823 1.49 -12.12 11.15
C ASP A 823 1.12 -12.72 9.79
N PHE A 824 0.80 -11.88 8.82
CA PHE A 824 0.40 -12.39 7.52
C PHE A 824 1.54 -12.95 6.68
N GLY A 825 2.68 -12.25 6.66
CA GLY A 825 3.79 -12.74 5.86
C GLY A 825 3.34 -12.86 4.42
N HIS A 826 4.03 -13.68 3.64
CA HIS A 826 3.69 -13.88 2.23
C HIS A 826 2.63 -14.97 2.03
N ILE A 827 1.38 -14.61 2.27
CA ILE A 827 0.29 -15.57 2.15
C ILE A 827 -0.74 -15.11 1.12
N ASN A 838 -4.71 -31.22 -2.47
CA ASN A 838 -5.86 -32.04 -2.14
C ASN A 838 -5.87 -32.31 -0.63
N LYS A 839 -6.81 -31.70 0.08
CA LYS A 839 -6.90 -31.86 1.54
C LYS A 839 -8.14 -31.15 2.07
N GLU A 840 -8.24 -31.06 3.39
CA GLU A 840 -9.38 -30.38 4.00
C GLU A 840 -9.14 -28.88 3.95
N ARG A 841 -10.20 -28.14 3.63
CA ARG A 841 -10.10 -26.70 3.54
C ARG A 841 -11.32 -26.01 4.10
N VAL A 842 -11.14 -24.74 4.44
CA VAL A 842 -12.19 -23.91 5.00
C VAL A 842 -12.00 -22.50 4.42
N PRO A 843 -13.10 -21.74 4.26
CA PRO A 843 -13.08 -20.38 3.72
C PRO A 843 -12.46 -19.36 4.68
N PHE A 844 -12.61 -19.64 5.98
CA PHE A 844 -12.07 -18.78 7.02
C PHE A 844 -12.09 -19.51 8.37
N VAL A 845 -11.58 -18.85 9.40
CA VAL A 845 -11.53 -19.50 10.70
C VAL A 845 -12.76 -19.22 11.55
N LEU A 846 -13.53 -20.26 11.81
CA LEU A 846 -14.73 -20.19 12.63
C LEU A 846 -14.83 -21.56 13.27
N THR A 847 -13.95 -21.80 14.23
CA THR A 847 -13.85 -23.05 14.95
C THR A 847 -14.82 -23.20 16.12
N PRO A 848 -14.96 -24.42 16.64
CA PRO A 848 -15.85 -24.72 17.77
C PRO A 848 -15.68 -23.78 18.95
N ASP A 849 -14.44 -23.38 19.23
CA ASP A 849 -14.19 -22.48 20.35
C ASP A 849 -14.82 -21.10 20.13
N PHE A 850 -14.86 -20.66 18.86
CA PHE A 850 -15.44 -19.38 18.50
C PHE A 850 -16.98 -19.45 18.59
N LEU A 851 -17.54 -20.51 18.01
CA LEU A 851 -18.99 -20.71 18.03
C LEU A 851 -19.45 -20.87 19.47
N PHE A 852 -18.57 -21.42 20.30
CA PHE A 852 -18.88 -21.63 21.72
C PHE A 852 -19.12 -20.28 22.39
N VAL A 853 -18.16 -19.37 22.25
CA VAL A 853 -18.27 -18.05 22.87
C VAL A 853 -19.59 -17.37 22.53
N MET A 854 -20.08 -17.63 21.32
CA MET A 854 -21.33 -17.05 20.86
C MET A 854 -22.56 -17.83 21.30
N GLY A 855 -22.38 -18.72 22.27
CA GLY A 855 -23.48 -19.52 22.79
C GLY A 855 -24.02 -20.59 21.87
N THR A 856 -23.13 -21.22 21.10
CA THR A 856 -23.52 -22.28 20.18
C THR A 856 -22.57 -23.46 20.33
N SER A 857 -23.08 -24.57 20.82
CA SER A 857 -22.27 -25.77 21.02
C SER A 857 -22.38 -26.70 19.82
N GLY A 858 -23.53 -27.32 19.65
CA GLY A 858 -23.73 -28.23 18.54
C GLY A 858 -23.98 -27.49 17.24
N LYS A 859 -24.77 -28.10 16.37
CA LYS A 859 -25.11 -27.51 15.07
C LYS A 859 -26.34 -26.62 15.21
N LYS A 860 -26.74 -26.39 16.46
CA LYS A 860 -27.91 -25.55 16.75
C LYS A 860 -27.56 -24.07 16.74
N THR A 861 -28.51 -23.24 16.33
CA THR A 861 -28.30 -21.80 16.26
C THR A 861 -28.32 -21.16 17.65
N SER A 862 -28.29 -19.82 17.68
CA SER A 862 -28.31 -19.08 18.94
C SER A 862 -28.46 -17.58 18.70
N LEU A 863 -28.79 -16.86 19.75
CA LEU A 863 -28.99 -15.42 19.67
C LEU A 863 -27.73 -14.70 19.14
N HIS A 864 -26.59 -14.97 19.77
CA HIS A 864 -25.33 -14.37 19.34
C HIS A 864 -24.91 -14.84 17.95
N PHE A 865 -25.04 -16.15 17.71
CA PHE A 865 -24.69 -16.71 16.43
C PHE A 865 -25.52 -16.09 15.31
N GLN A 866 -26.83 -15.94 15.54
CA GLN A 866 -27.71 -15.35 14.54
C GLN A 866 -27.22 -13.94 14.24
N LYS A 867 -26.86 -13.22 15.29
CA LYS A 867 -26.34 -11.87 15.14
C LYS A 867 -25.11 -11.99 14.24
N PHE A 868 -24.20 -12.88 14.62
CA PHE A 868 -22.99 -13.10 13.86
C PHE A 868 -23.32 -13.28 12.37
N GLN A 869 -24.30 -14.14 12.08
CA GLN A 869 -24.71 -14.41 10.71
C GLN A 869 -25.22 -13.17 9.96
N ASP A 870 -25.99 -12.35 10.66
CA ASP A 870 -26.54 -11.14 10.05
C ASP A 870 -25.42 -10.14 9.74
N VAL A 871 -24.58 -9.89 10.74
CA VAL A 871 -23.46 -8.97 10.58
C VAL A 871 -22.57 -9.40 9.41
N CYS A 872 -22.32 -10.70 9.31
CA CYS A 872 -21.50 -11.23 8.23
C CYS A 872 -22.15 -10.88 6.90
N VAL A 873 -23.43 -11.23 6.76
CA VAL A 873 -24.14 -10.95 5.51
C VAL A 873 -24.12 -9.46 5.21
N LYS A 874 -24.38 -8.66 6.23
CA LYS A 874 -24.42 -7.20 6.11
C LYS A 874 -23.08 -6.65 5.59
N ALA A 875 -22.00 -7.00 6.27
CA ALA A 875 -20.67 -6.54 5.88
C ALA A 875 -20.32 -7.07 4.49
N TYR A 876 -20.65 -8.34 4.26
CA TYR A 876 -20.37 -8.96 2.98
C TYR A 876 -21.05 -8.20 1.84
N LEU A 877 -22.37 -8.01 1.95
CA LEU A 877 -23.11 -7.28 0.91
C LEU A 877 -22.55 -5.87 0.74
N ALA A 878 -22.24 -5.22 1.85
CA ALA A 878 -21.69 -3.88 1.82
C ALA A 878 -20.42 -3.83 0.96
N LEU A 879 -19.59 -4.86 1.04
CA LEU A 879 -18.38 -4.89 0.24
C LEU A 879 -18.67 -5.05 -1.24
N ARG A 880 -19.68 -5.86 -1.55
CA ARG A 880 -20.05 -6.09 -2.94
C ARG A 880 -20.51 -4.78 -3.58
N HIS A 881 -21.00 -3.86 -2.76
CA HIS A 881 -21.46 -2.57 -3.27
C HIS A 881 -20.25 -1.78 -3.78
N HIS A 882 -19.06 -2.26 -3.44
CA HIS A 882 -17.80 -1.64 -3.85
C HIS A 882 -16.91 -2.65 -4.55
N THR A 883 -17.55 -3.55 -5.29
CA THR A 883 -16.86 -4.60 -6.02
C THR A 883 -15.70 -4.15 -6.91
N ASN A 884 -15.95 -3.20 -7.81
CA ASN A 884 -14.91 -2.74 -8.70
C ASN A 884 -13.69 -2.18 -7.98
N LEU A 885 -13.93 -1.51 -6.86
CA LEU A 885 -12.85 -0.93 -6.07
C LEU A 885 -11.99 -2.08 -5.54
N LEU A 886 -12.62 -3.03 -4.85
CA LEU A 886 -11.90 -4.19 -4.30
C LEU A 886 -11.17 -5.00 -5.36
N ILE A 887 -11.81 -5.19 -6.51
CA ILE A 887 -11.21 -5.94 -7.61
C ILE A 887 -9.89 -5.31 -8.09
N ILE A 888 -9.92 -4.00 -8.30
CA ILE A 888 -8.74 -3.29 -8.77
C ILE A 888 -7.67 -3.24 -7.66
N LEU A 889 -8.09 -3.03 -6.41
CA LEU A 889 -7.15 -2.99 -5.30
C LEU A 889 -6.45 -4.33 -5.14
N PHE A 890 -7.22 -5.40 -5.29
CA PHE A 890 -6.70 -6.75 -5.17
C PHE A 890 -5.75 -7.09 -6.31
N SER A 891 -6.10 -6.72 -7.53
CA SER A 891 -5.23 -7.03 -8.65
C SER A 891 -3.90 -6.26 -8.55
N MET A 892 -3.95 -4.99 -8.15
CA MET A 892 -2.72 -4.19 -8.02
C MET A 892 -1.84 -4.75 -6.91
N MET A 893 -2.46 -5.12 -5.79
CA MET A 893 -1.74 -5.68 -4.68
C MET A 893 -0.98 -6.92 -5.10
N LEU A 894 -1.66 -7.82 -5.80
CA LEU A 894 -1.00 -9.03 -6.25
C LEU A 894 0.14 -8.69 -7.21
N MET A 895 -0.06 -7.67 -8.04
CA MET A 895 0.99 -7.30 -9.00
C MET A 895 2.15 -6.48 -8.47
N THR A 896 1.97 -5.82 -7.34
CA THR A 896 3.05 -5.00 -6.80
C THR A 896 3.58 -5.48 -5.46
N GLY A 897 2.84 -6.34 -4.78
CA GLY A 897 3.31 -6.79 -3.47
C GLY A 897 3.61 -8.27 -3.40
N MET A 898 3.98 -8.84 -4.54
CA MET A 898 4.26 -10.26 -4.61
C MET A 898 5.55 -10.54 -5.36
N PRO A 899 6.45 -11.32 -4.74
CA PRO A 899 7.73 -11.67 -5.37
C PRO A 899 7.51 -12.43 -6.68
N GLN A 900 6.71 -13.49 -6.61
CA GLN A 900 6.43 -14.30 -7.78
C GLN A 900 5.49 -13.59 -8.74
N LEU A 901 5.31 -14.18 -9.92
CA LEU A 901 4.44 -13.63 -10.95
C LEU A 901 3.02 -14.11 -10.73
N THR A 902 2.05 -13.21 -10.89
CA THR A 902 0.64 -13.54 -10.74
C THR A 902 0.00 -13.73 -12.10
N SER A 903 -1.12 -14.45 -12.13
CA SER A 903 -1.82 -14.71 -13.38
C SER A 903 -3.26 -14.22 -13.31
N LYS A 904 -3.98 -14.32 -14.42
CA LYS A 904 -5.37 -13.89 -14.44
C LYS A 904 -6.15 -14.74 -13.46
N GLU A 905 -5.77 -16.01 -13.35
CA GLU A 905 -6.43 -16.95 -12.45
C GLU A 905 -6.36 -16.50 -11.00
N ASP A 906 -5.20 -15.98 -10.59
CA ASP A 906 -5.02 -15.52 -9.22
C ASP A 906 -5.92 -14.32 -8.93
N ILE A 907 -6.01 -13.42 -9.91
CA ILE A 907 -6.82 -12.22 -9.75
C ILE A 907 -8.31 -12.56 -9.75
N GLU A 908 -8.71 -13.49 -10.62
CA GLU A 908 -10.11 -13.88 -10.71
C GLU A 908 -10.71 -14.44 -9.43
N TYR A 909 -9.88 -14.85 -8.47
CA TYR A 909 -10.40 -15.39 -7.22
C TYR A 909 -11.36 -14.40 -6.57
N ILE A 910 -10.91 -13.16 -6.47
CA ILE A 910 -11.67 -12.09 -5.85
C ILE A 910 -13.05 -11.94 -6.51
N ARG A 911 -13.12 -12.10 -7.82
CA ARG A 911 -14.37 -11.97 -8.53
C ARG A 911 -15.36 -13.04 -8.07
N ASP A 912 -14.87 -14.26 -7.84
CA ASP A 912 -15.72 -15.34 -7.38
C ASP A 912 -16.07 -15.18 -5.92
N ALA A 913 -15.11 -14.75 -5.12
CA ALA A 913 -15.38 -14.59 -3.69
C ALA A 913 -16.43 -13.52 -3.48
N LEU A 914 -16.52 -12.56 -4.40
CA LEU A 914 -17.51 -11.50 -4.28
C LEU A 914 -18.80 -11.79 -5.06
N THR A 915 -18.91 -13.01 -5.57
CA THR A 915 -20.09 -13.42 -6.35
C THR A 915 -20.58 -12.36 -7.33
N VAL A 916 -19.69 -11.92 -8.21
CA VAL A 916 -20.02 -10.90 -9.19
C VAL A 916 -21.04 -11.45 -10.19
N GLY A 917 -22.07 -10.65 -10.47
CA GLY A 917 -23.10 -11.09 -11.40
C GLY A 917 -24.30 -11.66 -10.67
N LYS A 918 -24.05 -12.28 -9.52
CA LYS A 918 -25.11 -12.86 -8.73
C LYS A 918 -25.96 -11.77 -8.09
N SER A 919 -27.17 -12.13 -7.70
CA SER A 919 -28.10 -11.21 -7.06
C SER A 919 -27.78 -11.20 -5.57
N GLU A 920 -28.25 -10.18 -4.86
CA GLU A 920 -28.01 -10.09 -3.42
C GLU A 920 -28.45 -11.37 -2.71
N GLU A 921 -29.59 -11.89 -3.10
CA GLU A 921 -30.12 -13.10 -2.48
C GLU A 921 -29.17 -14.28 -2.58
N ASP A 922 -28.74 -14.58 -3.79
CA ASP A 922 -27.82 -15.69 -4.01
C ASP A 922 -26.53 -15.42 -3.23
N ALA A 923 -26.11 -14.17 -3.20
CA ALA A 923 -24.90 -13.75 -2.49
C ALA A 923 -25.04 -14.00 -0.99
N LYS A 924 -26.18 -13.61 -0.44
CA LYS A 924 -26.41 -13.81 0.99
C LYS A 924 -26.31 -15.30 1.31
N LYS A 925 -26.93 -16.12 0.48
CA LYS A 925 -26.91 -17.57 0.68
C LYS A 925 -25.50 -18.15 0.48
N TYR A 926 -24.78 -17.59 -0.47
CA TYR A 926 -23.43 -18.05 -0.73
C TYR A 926 -22.56 -17.93 0.53
N PHE A 927 -22.56 -16.76 1.15
CA PHE A 927 -21.75 -16.57 2.35
C PHE A 927 -22.23 -17.49 3.46
N LEU A 928 -23.55 -17.58 3.64
CA LEU A 928 -24.13 -18.43 4.68
C LEU A 928 -23.67 -19.87 4.50
N ASP A 929 -23.46 -20.28 3.25
CA ASP A 929 -23.00 -21.62 2.96
C ASP A 929 -21.56 -21.80 3.45
N GLN A 930 -20.75 -20.75 3.29
CA GLN A 930 -19.34 -20.81 3.71
C GLN A 930 -19.29 -20.93 5.25
N ILE A 931 -20.23 -20.27 5.91
CA ILE A 931 -20.31 -20.31 7.36
C ILE A 931 -20.66 -21.74 7.79
N GLU A 932 -21.40 -22.45 6.95
CA GLU A 932 -21.78 -23.81 7.28
C GLU A 932 -20.62 -24.78 7.11
N VAL A 933 -19.78 -24.52 6.11
CA VAL A 933 -18.61 -25.39 5.88
C VAL A 933 -17.73 -25.44 7.12
N CYS A 934 -17.58 -24.29 7.80
CA CYS A 934 -16.75 -24.23 9.01
C CYS A 934 -17.31 -25.08 10.14
N ARG A 935 -18.63 -25.09 10.27
CA ARG A 935 -19.28 -25.86 11.32
C ARG A 935 -19.08 -27.36 11.11
N ASP A 936 -19.20 -27.81 9.88
CA ASP A 936 -19.03 -29.22 9.57
C ASP A 936 -17.56 -29.62 9.74
N LYS A 937 -16.66 -28.68 9.47
CA LYS A 937 -15.23 -28.93 9.59
C LYS A 937 -14.72 -29.03 11.02
N GLY A 938 -15.38 -28.32 11.94
CA GLY A 938 -14.98 -28.35 13.33
C GLY A 938 -13.51 -28.00 13.51
N TRP A 939 -12.79 -28.84 14.25
CA TRP A 939 -11.37 -28.64 14.51
C TRP A 939 -10.52 -29.35 13.46
N THR A 940 -11.16 -30.11 12.59
CA THR A 940 -10.47 -30.86 11.54
C THR A 940 -9.30 -30.13 10.90
N VAL A 941 -9.56 -28.95 10.36
CA VAL A 941 -8.51 -28.17 9.69
C VAL A 941 -7.42 -27.66 10.62
N GLN A 942 -7.81 -27.20 11.82
CA GLN A 942 -6.79 -26.74 12.77
C GLN A 942 -5.90 -27.89 13.21
N PHE A 943 -6.47 -29.09 13.30
CA PHE A 943 -5.70 -30.27 13.71
C PHE A 943 -4.65 -30.63 12.66
N ASN A 944 -5.01 -30.48 11.39
CA ASN A 944 -4.10 -30.75 10.28
C ASN A 944 -2.99 -29.70 10.25
N TRP A 945 -3.34 -28.47 10.63
CA TRP A 945 -2.36 -27.39 10.67
C TRP A 945 -1.35 -27.69 11.76
N PHE A 946 -1.84 -28.16 12.89
CA PHE A 946 -0.98 -28.50 14.01
C PHE A 946 -0.02 -29.63 13.62
N LEU A 947 -0.56 -30.67 12.99
CA LEU A 947 0.27 -31.80 12.57
C LEU A 947 1.34 -31.36 11.58
N HIS A 948 1.00 -30.38 10.76
CA HIS A 948 1.93 -29.88 9.75
C HIS A 948 2.98 -28.94 10.31
N LEU A 949 2.53 -27.79 10.78
CA LEU A 949 3.39 -26.75 11.34
C LEU A 949 4.16 -27.12 12.61
N VAL A 950 3.54 -27.91 13.47
CA VAL A 950 4.19 -28.28 14.72
C VAL A 950 4.95 -29.61 14.67
N LEU A 951 4.40 -30.59 13.97
CA LEU A 951 5.04 -31.90 13.89
C LEU A 951 5.73 -32.17 12.56
N GLY A 952 5.74 -31.19 11.67
CA GLY A 952 6.38 -31.35 10.38
C GLY A 952 5.81 -32.46 9.52
N ILE A 953 4.63 -32.95 9.86
CA ILE A 953 4.01 -34.01 9.09
C ILE A 953 3.55 -33.48 7.73
C1 KWT B . 5.19 -12.87 16.37
O1 KWT B . 6.39 -13.47 15.78
C9 KWT B . 5.09 -11.35 15.96
C23 KWT B . 4.00 -13.76 15.89
C2 KWT B . 6.87 -13.24 14.45
O2 KWT B . 7.70 -13.99 13.96
C3 KWT B . 6.27 -11.99 13.70
C4 KWT B . 5.17 -11.32 14.32
C19 KWT B . 6.90 -11.77 12.51
C5 KWT B . 4.13 -10.66 13.62
C6 KWT B . 2.94 -9.97 14.31
O5 KWT B . 4.06 -10.59 12.25
O3 KWT B . 2.10 -9.41 13.58
C7 KWT B . 2.83 -9.97 15.85
O6 KWT B . 3.52 -11.98 18.76
C11 KWT B . 3.68 -10.61 18.24
C21 KWT B . 4.01 -12.39 20.01
C8 KWT B . 3.81 -10.60 16.64
C15 KWT B . 1.61 -9.24 16.57
C10 KWT B . 6.32 -10.52 16.50
C12 KWT B . 2.44 -9.84 18.82
C13 KWT B . 2.02 -8.60 17.96
C14 KWT B . 3.13 -7.48 17.94
C18 KWT B . 0.68 -7.98 18.31
C16 KWT B . 0.85 -8.04 15.94
C17 KWT B . -0.12 -7.63 17.04
O4 KWT B . 0.29 -7.79 19.46
O7 KWT B . 4.64 -11.69 20.82
C22 KWT B . 3.68 -13.87 20.28
O8 KWT B . 4.15 -15.13 16.28
C24 KWT B . 3.04 -15.95 15.88
#